data_4K2F
#
_entry.id   4K2F
#
_cell.length_a   120.280
_cell.length_b   166.020
_cell.length_c   94.190
_cell.angle_alpha   90.00
_cell.angle_beta   90.00
_cell.angle_gamma   90.00
#
_symmetry.space_group_name_H-M   'C 2 2 21'
#
loop_
_entity.id
_entity.type
_entity.pdbx_description
1 polymer 'Acyl-homoserine lactone acylase PvdQ'
2 polymer 'Acyl-homoserine lactone acylase PvdQ'
3 non-polymer 1,2-ETHANEDIOL
4 non-polymer (2S)-(4-chlorophenyl)(6-chloropyridin-2-yl)ethanenitrile
5 water water
#
loop_
_entity_poly.entity_id
_entity_poly.type
_entity_poly.pdbx_seq_one_letter_code
_entity_poly.pdbx_strand_id
1 'polypeptide(L)'
;DMPRPTGLAADIRWTAYGVPHIRAKDERGLGYGIGYAYARDNACLLAEEIVTARGERARYFGSEGKSSAELDNLPSDIFY
AWLNQPEALQAFWQAQTPAVRQLLEGYAAGFNRFLREADGKTTSCLGQPWLRAIATDDLLRLTRRLLVEGGVGQFADALV
AAAPPGAEKV
;
A
2 'polypeptide(L)'
;SNAIAVGSERSADGKGMLLANPHFPWNGAMRFYQMHLTIPGRLDVMGASLPGLPVVNIGFSRHLAWTHTVDTSSHFTLYR
LALDPKDPRRYLVDGRSLPLEEKSVAIEVRGADGKLSRVEHKVYQSIYGPLVVWPGKLDWNRSEAYALRDANLENTRVLQ
QWYSINQASDVADLRRRVEALQGIPWVNTLAADEQGNALYMNQSVVPYLKPELIPACAIPQLVAEGLPALQGQDSRCAWS
RDPAAAQAGITPAAQLPVLLRRDFVQNSNDSAWLTNPASPLQGFSPLVSQEKPIGPRARYALSRLQGKQPLEAKTLEEMV
TANHVFSADQVLPDLLRLCRDNQGEKSLARACAALAQWDRGANLDSGSGFVYFQRFMQRFAELDGAWKEPFDAQRPLDTP
QGIALDRPQVATQVRQALADAAAEVEKSGIPDGARWGDLQVSTRGQERIAIPGGDGHFGVYNAIQSVRKGDHLEVVGGTS
YIQLVTFPEEGPKARGLLAFSQSSDPRSPHYRDQTELFSRQQWQTLPFSDRQIDADPQLQRLSIRE
;
B
#
# COMPACT_ATOMS: atom_id res chain seq x y z
N THR A 6 -1.03 -33.17 11.82
CA THR A 6 0.09 -34.14 11.45
C THR A 6 0.33 -34.41 9.92
N GLY A 7 1.44 -35.07 9.63
CA GLY A 7 2.01 -34.99 8.28
C GLY A 7 2.42 -33.56 7.97
N LEU A 8 3.03 -32.85 8.94
CA LEU A 8 3.52 -31.51 8.75
C LEU A 8 5.01 -31.57 8.97
N ALA A 9 5.79 -31.13 8.00
CA ALA A 9 7.25 -31.06 8.17
C ALA A 9 7.85 -30.03 7.25
N ALA A 10 8.93 -29.40 7.73
CA ALA A 10 9.61 -28.41 6.93
C ALA A 10 11.07 -28.37 7.28
N ASP A 11 11.83 -27.96 6.29
CA ASP A 11 13.23 -27.67 6.43
C ASP A 11 13.44 -26.18 6.24
N ILE A 12 14.00 -25.50 7.24
CA ILE A 12 14.12 -24.05 7.16
C ILE A 12 15.62 -23.66 7.22
N ARG A 13 16.08 -22.89 6.25
CA ARG A 13 17.42 -22.31 6.34
C ARG A 13 17.24 -20.78 6.48
N TRP A 14 18.03 -20.11 7.31
CA TRP A 14 18.06 -18.61 7.41
C TRP A 14 19.41 -18.13 6.89
N THR A 15 19.40 -17.16 5.98
CA THR A 15 20.61 -16.53 5.55
C THR A 15 20.79 -15.18 6.37
N ALA A 16 21.77 -14.34 6.02
CA ALA A 16 22.04 -13.13 6.76
C ALA A 16 20.73 -12.29 6.93
N TYR A 17 20.53 -11.68 8.08
CA TYR A 17 19.39 -10.72 8.33
C TYR A 17 18.10 -11.49 8.61
N GLY A 18 18.23 -12.81 8.86
CA GLY A 18 17.15 -13.66 9.36
C GLY A 18 16.09 -13.91 8.28
N VAL A 19 16.52 -13.96 7.00
CA VAL A 19 15.63 -14.29 5.83
C VAL A 19 15.46 -15.84 5.82
N PRO A 20 14.23 -16.34 6.01
CA PRO A 20 14.08 -17.78 5.97
C PRO A 20 13.89 -18.33 4.53
N HIS A 21 14.38 -19.58 4.34
CA HIS A 21 14.24 -20.32 3.08
C HIS A 21 13.58 -21.64 3.43
N ILE A 22 12.30 -21.77 3.09
CA ILE A 22 11.48 -22.90 3.58
C ILE A 22 11.41 -23.94 2.47
N ARG A 23 11.79 -25.21 2.74
CA ARG A 23 11.61 -26.26 1.74
C ARG A 23 10.66 -27.29 2.32
N ALA A 24 9.71 -27.77 1.54
CA ALA A 24 8.76 -28.77 2.04
C ALA A 24 8.28 -29.60 0.86
N LYS A 25 7.66 -30.74 1.14
CA LYS A 25 7.24 -31.60 -0.01
C LYS A 25 5.80 -31.26 -0.41
N ASP A 26 5.11 -30.44 0.38
CA ASP A 26 3.70 -30.19 0.07
C ASP A 26 3.29 -28.86 0.73
N GLU A 27 2.05 -28.40 0.45
CA GLU A 27 1.62 -27.04 0.86
C GLU A 27 1.51 -27.03 2.39
N ARG A 28 1.03 -28.13 3.04
CA ARG A 28 0.85 -28.14 4.51
C ARG A 28 2.23 -27.93 5.18
N GLY A 29 3.22 -28.67 4.69
CA GLY A 29 4.59 -28.53 5.29
C GLY A 29 5.18 -27.13 4.98
N LEU A 30 4.91 -26.64 3.78
CA LEU A 30 5.40 -25.32 3.38
C LEU A 30 4.80 -24.30 4.37
N GLY A 31 3.47 -24.37 4.57
CA GLY A 31 2.79 -23.39 5.50
C GLY A 31 3.32 -23.59 6.92
N TYR A 32 3.65 -24.81 7.25
CA TYR A 32 4.20 -25.06 8.62
C TYR A 32 5.52 -24.31 8.87
N GLY A 33 6.45 -24.35 7.90
CA GLY A 33 7.69 -23.61 7.96
C GLY A 33 7.50 -22.08 7.95
N ILE A 34 6.66 -21.57 7.06
CA ILE A 34 6.33 -20.12 7.05
C ILE A 34 5.83 -19.67 8.43
N GLY A 35 4.81 -20.33 8.99
CA GLY A 35 4.15 -19.88 10.17
C GLY A 35 5.16 -19.90 11.32
N TYR A 36 6.02 -20.93 11.37
CA TYR A 36 6.99 -21.04 12.44
C TYR A 36 8.09 -19.97 12.28
N ALA A 37 8.63 -19.83 11.08
CA ALA A 37 9.63 -18.74 10.86
C ALA A 37 9.06 -17.33 11.10
N TYR A 38 7.82 -17.04 10.64
CA TYR A 38 7.26 -15.71 10.84
C TYR A 38 7.03 -15.46 12.37
N ALA A 39 6.55 -16.48 13.07
CA ALA A 39 6.27 -16.31 14.51
C ALA A 39 7.58 -15.92 15.26
N ARG A 40 8.67 -16.57 14.87
CA ARG A 40 9.97 -16.31 15.56
C ARG A 40 10.31 -14.82 15.52
N ASP A 41 10.04 -14.18 14.38
CA ASP A 41 10.29 -12.74 14.22
C ASP A 41 9.13 -11.81 14.64
N ASN A 42 7.90 -12.27 14.52
CA ASN A 42 6.74 -11.33 14.54
C ASN A 42 5.50 -11.90 15.19
N ALA A 43 5.68 -12.84 16.13
CA ALA A 43 4.51 -13.41 16.88
C ALA A 43 3.65 -12.32 17.49
N CYS A 44 4.26 -11.34 18.17
CA CYS A 44 3.43 -10.29 18.84
C CYS A 44 2.63 -9.45 17.79
N LEU A 45 3.30 -8.97 16.77
CA LEU A 45 2.62 -8.20 15.66
C LEU A 45 1.42 -9.06 15.17
N LEU A 46 1.63 -10.37 14.90
CA LEU A 46 0.50 -11.13 14.30
C LEU A 46 -0.64 -11.26 15.28
N ALA A 47 -0.28 -11.52 16.53
CA ALA A 47 -1.34 -11.68 17.56
C ALA A 47 -2.12 -10.35 17.68
N GLU A 48 -1.39 -9.26 17.75
CA GLU A 48 -2.10 -7.97 17.75
C GLU A 48 -3.04 -7.80 16.54
N GLU A 49 -2.55 -8.08 15.32
CA GLU A 49 -3.39 -7.80 14.15
C GLU A 49 -4.56 -8.79 14.07
N ILE A 50 -4.38 -10.00 14.59
CA ILE A 50 -5.51 -10.92 14.62
C ILE A 50 -6.56 -10.45 15.66
N VAL A 51 -6.10 -9.95 16.84
CA VAL A 51 -7.02 -9.32 17.81
C VAL A 51 -7.89 -8.22 17.11
N THR A 52 -7.24 -7.41 16.26
CA THR A 52 -7.96 -6.29 15.56
C THR A 52 -8.96 -6.94 14.65
N ALA A 53 -8.51 -7.95 13.88
CA ALA A 53 -9.34 -8.53 12.81
C ALA A 53 -10.44 -9.38 13.35
N ARG A 54 -10.26 -9.87 14.60
CA ARG A 54 -11.35 -10.52 15.39
C ARG A 54 -12.33 -9.50 16.04
N GLY A 55 -12.04 -8.18 15.99
CA GLY A 55 -12.88 -7.22 16.72
C GLY A 55 -12.83 -7.42 18.25
N GLU A 56 -11.63 -7.69 18.78
CA GLU A 56 -11.46 -7.91 20.24
C GLU A 56 -10.51 -6.92 20.88
N ARG A 57 -10.18 -5.83 20.18
CA ARG A 57 -9.31 -4.81 20.77
C ARG A 57 -9.87 -4.28 22.08
N ALA A 58 -11.17 -3.96 22.12
CA ALA A 58 -11.68 -3.28 23.35
C ALA A 58 -11.71 -4.30 24.51
N ARG A 59 -11.78 -5.56 24.15
CA ARG A 59 -11.84 -6.59 25.15
C ARG A 59 -10.48 -6.75 25.86
N TYR A 60 -9.36 -6.64 25.15
CA TYR A 60 -8.03 -6.72 25.80
C TYR A 60 -7.48 -5.41 26.25
N PHE A 61 -7.83 -4.32 25.53
CA PHE A 61 -7.14 -3.02 25.72
C PHE A 61 -8.05 -1.88 26.15
N GLY A 62 -9.37 -2.07 26.19
CA GLY A 62 -10.26 -0.97 26.57
C GLY A 62 -10.58 -0.04 25.41
N SER A 63 -11.46 0.92 25.65
CA SER A 63 -11.98 1.71 24.53
C SER A 63 -11.03 2.89 24.28
N GLU A 64 -10.08 3.17 25.20
CA GLU A 64 -9.22 4.32 25.03
C GLU A 64 -8.06 4.19 23.96
N GLY A 65 -7.68 3.01 23.55
CA GLY A 65 -6.53 2.86 22.60
C GLY A 65 -6.99 2.75 21.13
N LYS A 66 -6.06 2.44 20.25
CA LYS A 66 -6.33 2.43 18.77
C LYS A 66 -5.64 1.18 18.25
N SER A 67 -5.98 0.78 17.02
CA SER A 67 -5.36 -0.27 16.33
C SER A 67 -4.13 0.32 15.64
N SER A 68 -3.34 -0.55 15.00
CA SER A 68 -2.19 -0.06 14.25
C SER A 68 -2.60 0.70 13.00
N ALA A 69 -3.86 0.65 12.64
CA ALA A 69 -4.33 1.47 11.51
C ALA A 69 -4.86 2.82 12.06
N GLU A 70 -4.69 3.03 13.38
CA GLU A 70 -5.05 4.30 14.03
C GLU A 70 -6.58 4.48 14.09
N LEU A 71 -7.37 3.40 14.11
CA LEU A 71 -8.78 3.54 14.41
C LEU A 71 -8.99 3.34 15.89
N ASP A 72 -9.99 3.98 16.50
CA ASP A 72 -10.35 3.69 17.92
C ASP A 72 -10.72 2.23 18.04
N ASN A 73 -10.44 1.62 19.21
CA ASN A 73 -10.62 0.20 19.41
C ASN A 73 -12.06 -0.21 19.26
N LEU A 74 -13.00 0.53 19.86
CA LEU A 74 -14.41 0.07 19.76
C LEU A 74 -15.01 0.24 18.35
N PRO A 75 -14.87 1.43 17.70
CA PRO A 75 -15.30 1.41 16.24
C PRO A 75 -14.55 0.37 15.38
N SER A 76 -13.26 0.15 15.60
CA SER A 76 -12.53 -0.85 14.82
C SER A 76 -13.16 -2.21 15.09
N ASP A 77 -13.42 -2.53 16.37
CA ASP A 77 -14.05 -3.84 16.65
C ASP A 77 -15.42 -3.96 16.00
N ILE A 78 -16.23 -2.90 16.04
CA ILE A 78 -17.55 -3.08 15.43
C ILE A 78 -17.35 -3.36 13.98
N PHE A 79 -16.49 -2.60 13.30
CA PHE A 79 -16.24 -2.84 11.87
C PHE A 79 -15.81 -4.28 11.57
N TYR A 80 -14.87 -4.79 12.32
CA TYR A 80 -14.28 -6.17 12.01
C TYR A 80 -15.23 -7.22 12.49
N ALA A 81 -15.98 -7.02 13.57
CA ALA A 81 -17.05 -8.02 13.89
C ALA A 81 -18.05 -8.07 12.73
N TRP A 82 -18.36 -6.93 12.12
CA TRP A 82 -19.36 -6.92 11.04
C TRP A 82 -18.75 -7.61 9.82
N LEU A 83 -17.48 -7.29 9.54
CA LEU A 83 -16.79 -7.82 8.36
C LEU A 83 -16.60 -9.34 8.46
N ASN A 84 -16.15 -9.79 9.64
CA ASN A 84 -15.70 -11.16 9.81
C ASN A 84 -16.72 -11.97 10.62
N GLN A 85 -17.99 -11.88 10.23
CA GLN A 85 -19.06 -12.70 10.80
C GLN A 85 -18.89 -14.13 10.45
N PRO A 86 -19.38 -15.05 11.31
CA PRO A 86 -19.12 -16.49 11.03
C PRO A 86 -19.55 -16.93 9.62
N GLU A 87 -20.69 -16.45 9.11
CA GLU A 87 -21.14 -16.90 7.80
C GLU A 87 -20.22 -16.41 6.68
N ALA A 88 -19.61 -15.24 6.83
CA ALA A 88 -18.68 -14.74 5.75
C ALA A 88 -17.39 -15.59 5.74
N LEU A 89 -16.90 -15.91 6.94
CA LEU A 89 -15.66 -16.66 7.03
C LEU A 89 -15.92 -18.08 6.46
N GLN A 90 -17.08 -18.64 6.77
CA GLN A 90 -17.36 -20.05 6.34
C GLN A 90 -17.48 -20.08 4.81
N ALA A 91 -18.19 -19.09 4.21
CA ALA A 91 -18.23 -19.03 2.76
C ALA A 91 -16.86 -18.80 2.14
N PHE A 92 -16.05 -17.91 2.73
CA PHE A 92 -14.67 -17.72 2.19
C PHE A 92 -13.86 -18.99 2.26
N TRP A 93 -13.88 -19.69 3.43
CA TRP A 93 -13.18 -20.95 3.53
C TRP A 93 -13.66 -21.97 2.46
N GLN A 94 -14.97 -22.07 2.30
CA GLN A 94 -15.53 -23.09 1.37
C GLN A 94 -15.17 -22.82 -0.10
N ALA A 95 -14.86 -21.58 -0.46
CA ALA A 95 -14.34 -21.18 -1.75
C ALA A 95 -12.82 -21.33 -1.95
N GLN A 96 -12.05 -21.74 -0.93
CA GLN A 96 -10.59 -21.89 -1.09
C GLN A 96 -10.28 -23.23 -1.78
N THR A 97 -9.27 -23.24 -2.66
CA THR A 97 -8.71 -24.48 -3.22
C THR A 97 -8.06 -25.36 -2.14
N PRO A 98 -8.04 -26.66 -2.39
CA PRO A 98 -7.40 -27.57 -1.45
C PRO A 98 -5.94 -27.03 -1.19
N ALA A 99 -5.21 -26.60 -2.21
CA ALA A 99 -3.80 -26.21 -1.90
C ALA A 99 -3.74 -25.02 -0.91
N VAL A 100 -4.64 -24.07 -1.11
CA VAL A 100 -4.61 -22.89 -0.29
C VAL A 100 -5.09 -23.30 1.12
N ARG A 101 -6.16 -24.10 1.22
CA ARG A 101 -6.49 -24.63 2.55
C ARG A 101 -5.32 -25.25 3.32
N GLN A 102 -4.50 -26.02 2.61
CA GLN A 102 -3.36 -26.70 3.22
C GLN A 102 -2.32 -25.69 3.63
N LEU A 103 -2.06 -24.72 2.75
CA LEU A 103 -1.08 -23.65 3.11
C LEU A 103 -1.47 -23.04 4.45
N LEU A 104 -2.77 -22.73 4.57
CA LEU A 104 -3.26 -22.04 5.76
C LEU A 104 -3.26 -22.92 6.99
N GLU A 105 -3.65 -24.18 6.82
CA GLU A 105 -3.59 -25.10 8.03
C GLU A 105 -2.14 -25.27 8.49
N GLY A 106 -1.21 -25.36 7.54
CA GLY A 106 0.22 -25.58 7.92
C GLY A 106 0.68 -24.31 8.64
N TYR A 107 0.31 -23.12 8.08
CA TYR A 107 0.73 -21.86 8.72
C TYR A 107 0.27 -21.76 10.21
N ALA A 108 -1.03 -21.95 10.48
CA ALA A 108 -1.53 -21.87 11.87
C ALA A 108 -0.75 -22.87 12.75
N ALA A 109 -0.52 -24.08 12.25
CA ALA A 109 0.13 -25.12 13.11
C ALA A 109 1.58 -24.71 13.34
N GLY A 110 2.25 -24.10 12.37
CA GLY A 110 3.68 -23.73 12.61
C GLY A 110 3.79 -22.52 13.53
N PHE A 111 2.90 -21.54 13.34
CA PHE A 111 2.85 -20.45 14.31
C PHE A 111 2.62 -20.99 15.75
N ASN A 112 1.62 -21.81 15.93
CA ASN A 112 1.26 -22.35 17.30
C ASN A 112 2.45 -23.19 17.92
N ARG A 113 3.16 -23.87 17.04
CA ARG A 113 4.33 -24.63 17.49
C ARG A 113 5.38 -23.64 18.03
N PHE A 114 5.73 -22.57 17.25
CA PHE A 114 6.63 -21.59 17.88
C PHE A 114 6.12 -21.11 19.25
N LEU A 115 4.83 -20.74 19.33
CA LEU A 115 4.25 -20.19 20.57
C LEU A 115 4.37 -21.21 21.72
N ARG A 116 4.14 -22.48 21.44
CA ARG A 116 4.24 -23.54 22.50
C ARG A 116 5.66 -23.54 23.12
N GLU A 117 6.64 -23.30 22.30
CA GLU A 117 8.02 -23.34 22.75
C GLU A 117 8.66 -22.02 23.16
N ALA A 118 8.01 -20.88 22.95
CA ALA A 118 8.74 -19.63 23.08
C ALA A 118 9.09 -19.38 24.56
N ASP A 119 10.28 -18.83 24.79
CA ASP A 119 10.73 -18.54 26.14
C ASP A 119 11.12 -17.09 26.19
N GLY A 120 10.76 -16.29 25.15
CA GLY A 120 10.96 -14.86 25.24
C GLY A 120 12.20 -14.36 24.54
N LYS A 121 13.08 -15.28 24.12
CA LYS A 121 14.29 -14.88 23.40
C LYS A 121 13.97 -13.82 22.30
N THR A 122 12.88 -14.03 21.56
CA THR A 122 12.53 -13.09 20.48
C THR A 122 11.07 -12.62 20.53
N THR A 123 10.45 -12.64 21.71
CA THR A 123 9.02 -12.48 21.82
C THR A 123 8.78 -11.63 23.06
N SER A 124 8.56 -10.34 22.88
CA SER A 124 8.47 -9.37 23.97
C SER A 124 7.12 -9.44 24.65
N CYS A 125 6.11 -10.10 24.08
CA CYS A 125 4.77 -10.04 24.67
C CYS A 125 4.45 -11.34 25.32
N LEU A 126 5.49 -12.14 25.53
CA LEU A 126 5.36 -13.38 26.28
C LEU A 126 4.56 -13.18 27.58
N GLY A 127 3.55 -14.04 27.77
CA GLY A 127 2.63 -14.03 28.93
C GLY A 127 1.38 -13.14 28.81
N GLN A 128 1.25 -12.36 27.73
CA GLN A 128 0.08 -11.51 27.62
C GLN A 128 -1.07 -12.36 27.28
N PRO A 129 -2.28 -12.02 27.78
CA PRO A 129 -3.39 -12.95 27.48
C PRO A 129 -3.84 -13.03 26.00
N TRP A 130 -3.47 -12.04 25.21
CA TRP A 130 -3.88 -12.05 23.82
C TRP A 130 -2.83 -12.79 22.98
N LEU A 131 -1.69 -13.22 23.56
CA LEU A 131 -0.75 -13.99 22.73
C LEU A 131 -1.26 -15.39 22.77
N ARG A 132 -2.07 -15.81 21.77
CA ARG A 132 -2.77 -17.11 21.81
C ARG A 132 -2.62 -17.95 20.58
N ALA A 133 -2.91 -19.26 20.69
CA ALA A 133 -2.83 -20.11 19.52
C ALA A 133 -3.77 -19.56 18.48
N ILE A 134 -3.44 -19.72 17.20
CA ILE A 134 -4.33 -19.17 16.15
C ILE A 134 -5.00 -20.28 15.34
N ALA A 135 -5.99 -19.93 14.54
CA ALA A 135 -6.78 -20.92 13.80
C ALA A 135 -6.75 -20.46 12.32
N THR A 136 -7.02 -21.36 11.36
CA THR A 136 -7.18 -20.90 9.99
C THR A 136 -8.23 -19.76 9.87
N ASP A 137 -9.31 -19.78 10.66
CA ASP A 137 -10.29 -18.65 10.50
C ASP A 137 -9.61 -17.29 10.78
N ASP A 138 -8.67 -17.25 11.73
CA ASP A 138 -7.93 -16.01 12.02
C ASP A 138 -7.19 -15.52 10.78
N LEU A 139 -6.65 -16.43 9.98
CA LEU A 139 -5.85 -15.97 8.84
C LEU A 139 -6.85 -15.53 7.78
N LEU A 140 -8.02 -16.17 7.73
CA LEU A 140 -9.07 -15.60 6.79
C LEU A 140 -9.54 -14.22 7.26
N ARG A 141 -9.55 -14.00 8.57
CA ARG A 141 -9.94 -12.65 9.08
C ARG A 141 -8.92 -11.59 8.62
N LEU A 142 -7.63 -11.92 8.68
CA LEU A 142 -6.57 -11.05 8.23
C LEU A 142 -6.72 -10.83 6.72
N THR A 143 -6.98 -11.91 5.98
CA THR A 143 -7.13 -11.77 4.55
C THR A 143 -8.28 -10.80 4.15
N ARG A 144 -9.45 -11.00 4.78
CA ARG A 144 -10.59 -10.14 4.51
C ARG A 144 -10.31 -8.71 4.88
N ARG A 145 -9.64 -8.49 6.01
CA ARG A 145 -9.21 -7.13 6.42
C ARG A 145 -8.31 -6.44 5.38
N LEU A 146 -7.41 -7.18 4.73
CA LEU A 146 -6.60 -6.61 3.69
C LEU A 146 -7.39 -6.42 2.39
N LEU A 147 -8.29 -7.37 2.05
CA LEU A 147 -9.14 -7.22 0.83
C LEU A 147 -9.87 -5.83 0.80
N VAL A 148 -10.46 -5.49 1.95
CA VAL A 148 -11.36 -4.33 2.02
C VAL A 148 -10.62 -3.00 2.34
N GLU A 149 -9.30 -3.06 2.55
CA GLU A 149 -8.49 -1.84 2.65
C GLU A 149 -8.50 -1.00 1.38
N GLY A 150 -8.86 -1.62 0.24
CA GLY A 150 -9.05 -0.90 -0.98
C GLY A 150 -10.48 -0.33 -1.10
N GLY A 151 -11.33 -0.57 -0.10
CA GLY A 151 -12.79 -0.32 -0.31
C GLY A 151 -13.45 0.07 1.01
N VAL A 152 -14.39 -0.76 1.50
CA VAL A 152 -15.23 -0.37 2.66
C VAL A 152 -14.34 -0.13 3.96
N GLY A 153 -13.21 -0.83 4.00
CA GLY A 153 -12.24 -0.56 5.07
C GLY A 153 -11.81 0.90 5.19
N GLN A 154 -11.75 1.63 4.07
CA GLN A 154 -11.44 3.10 4.11
C GLN A 154 -12.60 3.88 4.71
N PHE A 155 -13.77 3.30 4.81
CA PHE A 155 -14.94 3.98 5.37
C PHE A 155 -15.38 3.32 6.71
N ALA A 156 -14.49 2.65 7.39
CA ALA A 156 -14.83 1.93 8.62
C ALA A 156 -15.49 2.87 9.65
N ASP A 157 -14.88 4.03 9.90
CA ASP A 157 -15.48 5.01 10.84
C ASP A 157 -16.88 5.44 10.37
N ALA A 158 -17.00 5.65 9.05
CA ALA A 158 -18.25 6.12 8.50
C ALA A 158 -19.34 5.07 8.61
N LEU A 159 -18.95 3.77 8.46
CA LEU A 159 -19.88 2.67 8.65
C LEU A 159 -20.40 2.68 10.12
N VAL A 160 -19.46 2.79 11.07
CA VAL A 160 -19.84 2.78 12.45
C VAL A 160 -20.75 3.99 12.83
N ALA A 161 -20.50 5.12 12.18
CA ALA A 161 -21.29 6.36 12.41
C ALA A 161 -22.65 6.41 11.80
N ALA A 162 -22.92 5.50 10.86
CA ALA A 162 -24.19 5.59 10.16
C ALA A 162 -25.41 5.24 10.98
N ALA A 163 -26.18 6.29 11.32
CA ALA A 163 -27.37 6.14 12.18
C ALA A 163 -28.50 6.99 11.58
N PRO A 164 -29.76 6.52 11.65
CA PRO A 164 -30.78 7.30 10.97
C PRO A 164 -31.12 8.65 11.69
N PRO A 165 -31.79 9.56 10.99
CA PRO A 165 -32.01 10.86 11.61
C PRO A 165 -33.06 10.77 12.72
N GLY A 166 -33.05 11.73 13.62
CA GLY A 166 -34.09 11.76 14.67
C GLY A 166 -35.14 12.79 14.25
N ALA A 167 -35.65 13.54 15.23
CA ALA A 167 -36.71 14.57 14.97
C ALA A 167 -36.22 15.95 14.39
N GLU A 168 -34.90 16.17 14.24
CA GLU A 168 -34.31 17.51 13.93
C GLU A 168 -34.82 18.27 12.68
N LYS A 169 -34.62 19.61 12.71
CA LYS A 169 -34.73 20.61 11.58
C LYS A 169 -33.34 21.09 11.03
N SER B 1 4.18 3.67 -4.15
CA SER B 1 5.10 2.62 -4.63
C SER B 1 5.65 3.06 -6.02
N ASN B 2 6.86 2.62 -6.39
CA ASN B 2 7.31 2.72 -7.77
C ASN B 2 7.60 1.32 -8.30
N ALA B 3 7.53 1.16 -9.63
CA ALA B 3 7.97 -0.06 -10.23
C ALA B 3 8.49 0.35 -11.60
N ILE B 4 9.63 -0.20 -12.01
CA ILE B 4 10.12 -0.14 -13.38
C ILE B 4 10.52 -1.53 -13.89
N ALA B 5 9.96 -1.93 -15.07
CA ALA B 5 10.32 -3.24 -15.68
C ALA B 5 11.07 -2.82 -16.98
N VAL B 6 12.24 -3.37 -17.23
CA VAL B 6 13.01 -2.92 -18.41
C VAL B 6 13.08 -4.14 -19.35
N GLY B 7 13.00 -3.98 -20.66
CA GLY B 7 13.11 -5.19 -21.49
C GLY B 7 14.34 -5.22 -22.41
N SER B 8 14.35 -6.21 -23.31
CA SER B 8 15.56 -6.50 -24.17
C SER B 8 16.01 -5.32 -25.01
N GLU B 9 15.09 -4.45 -25.44
CA GLU B 9 15.43 -3.25 -26.22
C GLU B 9 16.12 -2.16 -25.44
N ARG B 10 16.11 -2.20 -24.09
CA ARG B 10 16.74 -1.12 -23.30
C ARG B 10 17.71 -1.54 -22.21
N SER B 11 17.71 -2.81 -21.80
CA SER B 11 18.63 -3.25 -20.75
C SER B 11 20.02 -3.44 -21.35
N ALA B 12 21.03 -3.35 -20.48
CA ALA B 12 22.42 -3.40 -20.88
C ALA B 12 22.80 -4.81 -21.32
N ASP B 13 22.06 -5.82 -20.88
CA ASP B 13 22.42 -7.23 -21.23
C ASP B 13 21.47 -7.85 -22.23
N GLY B 14 20.49 -7.06 -22.70
CA GLY B 14 19.45 -7.57 -23.58
C GLY B 14 18.47 -8.56 -22.99
N LYS B 15 18.47 -8.68 -21.66
CA LYS B 15 17.48 -9.51 -20.95
C LYS B 15 16.49 -8.61 -20.11
N GLY B 16 15.59 -9.19 -19.33
CA GLY B 16 14.68 -8.39 -18.50
C GLY B 16 15.36 -7.87 -17.23
N MET B 17 14.75 -6.85 -16.65
CA MET B 17 15.23 -6.34 -15.42
C MET B 17 14.05 -5.70 -14.70
N LEU B 18 14.00 -5.78 -13.36
CA LEU B 18 12.80 -5.24 -12.63
C LEU B 18 13.28 -4.48 -11.41
N LEU B 19 12.85 -3.24 -11.24
CA LEU B 19 13.05 -2.55 -9.96
C LEU B 19 11.70 -2.53 -9.21
N ALA B 20 11.69 -3.06 -7.99
CA ALA B 20 10.45 -3.08 -7.19
C ALA B 20 10.75 -2.16 -5.99
N ASN B 21 9.99 -1.08 -5.86
CA ASN B 21 10.17 -0.17 -4.73
C ASN B 21 8.79 0.13 -4.15
N PRO B 22 8.09 -0.90 -3.65
CA PRO B 22 6.75 -0.63 -3.09
C PRO B 22 6.86 0.33 -1.86
N HIS B 23 5.82 1.12 -1.64
CA HIS B 23 5.83 2.07 -0.49
C HIS B 23 4.67 1.70 0.43
N PHE B 24 4.97 1.18 1.63
CA PHE B 24 3.89 0.71 2.49
C PHE B 24 4.27 0.96 3.94
N PRO B 25 3.34 0.74 4.85
CA PRO B 25 3.70 1.05 6.26
C PRO B 25 4.85 0.23 6.89
N TRP B 26 5.50 0.88 7.88
CA TRP B 26 6.67 0.28 8.54
C TRP B 26 6.23 -0.54 9.82
N ASN B 27 4.91 -0.59 10.07
CA ASN B 27 4.34 -1.28 11.23
C ASN B 27 2.97 -1.85 10.81
N GLY B 28 2.48 -2.85 11.53
CA GLY B 28 1.08 -3.21 11.44
C GLY B 28 0.82 -4.24 10.37
N ALA B 29 -0.43 -4.37 9.97
CA ALA B 29 -0.89 -5.52 9.16
C ALA B 29 -0.43 -5.50 7.71
N MET B 30 0.21 -4.42 7.26
CA MET B 30 0.81 -4.45 5.90
C MET B 30 2.33 -4.34 5.94
N ARG B 31 2.88 -4.76 7.04
CA ARG B 31 4.36 -4.74 7.16
C ARG B 31 4.97 -5.93 6.46
N PHE B 32 5.70 -5.67 5.37
CA PHE B 32 6.31 -6.74 4.55
C PHE B 32 7.33 -7.57 5.30
N TYR B 33 7.47 -8.82 4.85
CA TYR B 33 8.38 -9.80 5.49
C TYR B 33 9.03 -10.65 4.38
N GLN B 34 10.37 -10.83 4.41
CA GLN B 34 11.06 -11.54 3.34
C GLN B 34 10.94 -13.05 3.61
N MET B 35 10.80 -13.81 2.53
CA MET B 35 10.91 -15.26 2.65
C MET B 35 11.06 -15.83 1.27
N HIS B 36 11.62 -17.05 1.26
CA HIS B 36 11.83 -17.87 0.06
C HIS B 36 11.11 -19.23 0.26
N LEU B 37 10.31 -19.67 -0.72
CA LEU B 37 9.44 -20.84 -0.53
C LEU B 37 9.83 -21.81 -1.66
N THR B 38 10.02 -23.11 -1.36
CA THR B 38 10.41 -24.08 -2.37
C THR B 38 9.69 -25.42 -2.05
N ILE B 39 8.95 -25.96 -3.03
CA ILE B 39 8.48 -27.37 -3.02
C ILE B 39 9.25 -27.96 -4.22
N PRO B 40 10.33 -28.71 -3.96
CA PRO B 40 11.29 -28.94 -5.05
C PRO B 40 10.58 -29.64 -6.24
N GLY B 41 10.79 -29.13 -7.46
CA GLY B 41 10.15 -29.70 -8.60
C GLY B 41 8.99 -28.90 -9.09
N ARG B 42 8.34 -28.10 -8.21
CA ARG B 42 7.17 -27.39 -8.72
C ARG B 42 6.90 -25.99 -8.15
N LEU B 43 7.72 -25.51 -7.18
CA LEU B 43 7.58 -24.10 -6.72
C LEU B 43 8.96 -23.66 -6.25
N ASP B 44 9.44 -22.50 -6.66
CA ASP B 44 10.62 -21.93 -6.05
C ASP B 44 10.53 -20.45 -6.33
N VAL B 45 10.26 -19.67 -5.26
CA VAL B 45 9.90 -18.26 -5.40
C VAL B 45 10.43 -17.57 -4.15
N MET B 46 10.93 -16.37 -4.34
CA MET B 46 11.42 -15.58 -3.17
C MET B 46 10.94 -14.14 -3.28
N GLY B 47 10.66 -13.54 -2.14
CA GLY B 47 10.26 -12.09 -2.19
C GLY B 47 9.84 -11.64 -0.81
N ALA B 48 8.70 -10.93 -0.75
CA ALA B 48 8.24 -10.46 0.54
C ALA B 48 6.73 -10.66 0.57
N SER B 49 6.16 -10.88 1.74
CA SER B 49 4.70 -11.13 1.85
C SER B 49 4.15 -10.32 3.02
N LEU B 50 2.84 -10.36 3.23
CA LEU B 50 2.22 -9.50 4.25
C LEU B 50 1.92 -10.39 5.44
N PRO B 51 1.76 -9.82 6.67
CA PRO B 51 1.53 -10.65 7.86
C PRO B 51 0.33 -11.62 7.73
N GLY B 52 0.58 -12.91 7.97
CA GLY B 52 -0.48 -13.90 8.04
C GLY B 52 -0.61 -14.70 6.76
N LEU B 53 0.10 -14.30 5.70
CA LEU B 53 -0.17 -14.84 4.36
C LEU B 53 0.90 -15.83 3.91
N PRO B 54 0.49 -17.07 3.54
CA PRO B 54 1.48 -18.06 3.25
C PRO B 54 1.78 -18.07 1.73
N VAL B 55 1.90 -16.92 1.10
CA VAL B 55 2.26 -16.81 -0.30
C VAL B 55 3.16 -15.60 -0.38
N VAL B 56 3.94 -15.51 -1.46
CA VAL B 56 4.80 -14.39 -1.71
C VAL B 56 4.03 -13.32 -2.54
N ASN B 57 4.00 -12.05 -2.09
CA ASN B 57 3.17 -10.98 -2.71
C ASN B 57 4.00 -10.23 -3.77
N ILE B 58 5.27 -9.99 -3.53
CA ILE B 58 6.15 -9.32 -4.48
C ILE B 58 7.44 -10.17 -4.51
N GLY B 59 7.90 -10.63 -5.67
CA GLY B 59 9.05 -11.48 -5.61
C GLY B 59 9.61 -11.85 -6.96
N PHE B 60 10.29 -12.99 -7.00
CA PHE B 60 10.96 -13.41 -8.26
C PHE B 60 11.15 -14.93 -8.22
N SER B 61 11.38 -15.52 -9.39
CA SER B 61 11.61 -16.95 -9.57
C SER B 61 12.73 -17.10 -10.64
N ARG B 62 12.94 -18.32 -11.13
CA ARG B 62 14.09 -18.54 -11.98
C ARG B 62 14.13 -17.63 -13.24
N HIS B 63 12.97 -17.37 -13.84
CA HIS B 63 12.89 -16.59 -15.11
C HIS B 63 12.03 -15.30 -15.01
N LEU B 64 11.46 -14.99 -13.84
CA LEU B 64 10.48 -13.89 -13.74
C LEU B 64 10.71 -13.08 -12.47
N ALA B 65 10.46 -11.77 -12.56
CA ALA B 65 10.29 -10.97 -11.34
C ALA B 65 9.02 -10.13 -11.56
N TRP B 66 8.26 -9.92 -10.48
CA TRP B 66 7.07 -9.10 -10.52
C TRP B 66 6.92 -8.25 -9.25
N THR B 67 6.11 -7.18 -9.36
CA THR B 67 5.88 -6.28 -8.23
C THR B 67 4.57 -5.54 -8.42
N HIS B 68 4.16 -4.71 -7.43
CA HIS B 68 2.84 -4.12 -7.49
C HIS B 68 2.93 -2.67 -7.08
N THR B 69 1.92 -1.87 -7.48
CA THR B 69 1.77 -0.53 -6.93
C THR B 69 0.30 -0.30 -6.75
N VAL B 70 -0.10 0.59 -5.82
CA VAL B 70 -1.54 0.81 -5.63
C VAL B 70 -2.10 1.50 -6.89
N ASP B 71 -3.20 1.01 -7.45
CA ASP B 71 -3.71 1.61 -8.71
C ASP B 71 -4.67 2.80 -8.44
N THR B 72 -5.14 3.46 -9.52
CA THR B 72 -6.05 4.58 -9.33
C THR B 72 -7.43 4.07 -9.66
N SER B 73 -7.61 2.76 -9.92
CA SER B 73 -8.92 2.28 -10.25
C SER B 73 -9.85 2.30 -9.04
N SER B 74 -11.16 2.31 -9.30
CA SER B 74 -12.16 2.21 -8.25
C SER B 74 -12.35 0.73 -7.86
N HIS B 75 -12.44 0.43 -6.55
CA HIS B 75 -12.61 -0.96 -6.14
C HIS B 75 -13.90 -1.13 -5.36
N PHE B 76 -14.71 -0.06 -5.36
CA PHE B 76 -16.01 -0.06 -4.67
C PHE B 76 -16.83 1.00 -5.40
N THR B 77 -18.12 1.02 -5.13
CA THR B 77 -18.84 2.26 -5.49
C THR B 77 -19.72 2.66 -4.35
N LEU B 78 -19.87 3.99 -4.18
CA LEU B 78 -20.85 4.49 -3.24
C LEU B 78 -22.19 4.53 -3.99
N TYR B 79 -23.28 4.30 -3.30
CA TYR B 79 -24.60 4.48 -3.97
C TYR B 79 -25.36 5.56 -3.21
N ARG B 80 -25.83 6.61 -3.89
CA ARG B 80 -26.75 7.55 -3.19
C ARG B 80 -28.19 6.99 -3.17
N LEU B 81 -28.76 6.82 -1.98
CA LEU B 81 -30.10 6.27 -1.81
C LEU B 81 -31.10 7.47 -1.81
N ALA B 82 -32.26 7.29 -2.43
CA ALA B 82 -33.38 8.22 -2.34
C ALA B 82 -34.19 7.59 -1.23
N LEU B 83 -34.34 8.30 -0.10
CA LEU B 83 -35.11 7.73 1.01
C LEU B 83 -36.62 7.85 0.75
N ASP B 84 -37.39 6.90 1.26
CA ASP B 84 -38.89 7.00 1.25
C ASP B 84 -39.29 8.27 1.96
N PRO B 85 -40.08 9.16 1.28
CA PRO B 85 -40.41 10.38 2.01
C PRO B 85 -41.27 10.13 3.29
N LYS B 86 -41.86 8.93 3.48
CA LYS B 86 -42.60 8.64 4.72
C LYS B 86 -41.71 7.98 5.81
N ASP B 87 -40.51 7.50 5.44
CA ASP B 87 -39.78 6.70 6.43
C ASP B 87 -38.27 6.69 6.03
N PRO B 88 -37.40 7.36 6.80
CA PRO B 88 -35.96 7.46 6.46
C PRO B 88 -35.13 6.18 6.75
N ARG B 89 -35.79 5.12 7.22
CA ARG B 89 -35.26 3.80 7.21
C ARG B 89 -35.72 2.93 6.05
N ARG B 90 -36.37 3.55 5.03
CA ARG B 90 -36.64 2.82 3.80
C ARG B 90 -36.10 3.64 2.64
N TYR B 91 -35.79 2.97 1.54
CA TYR B 91 -35.23 3.68 0.36
C TYR B 91 -35.91 3.19 -0.91
N LEU B 92 -35.85 4.04 -1.93
CA LEU B 92 -36.62 3.71 -3.12
C LEU B 92 -35.77 3.14 -4.19
N VAL B 93 -36.20 2.04 -4.83
CA VAL B 93 -35.52 1.61 -6.03
C VAL B 93 -36.59 1.44 -7.13
N ASP B 94 -36.40 2.11 -8.28
CA ASP B 94 -37.48 2.16 -9.31
C ASP B 94 -38.82 2.51 -8.69
N GLY B 95 -38.80 3.41 -7.72
CA GLY B 95 -40.07 3.99 -7.21
C GLY B 95 -40.71 3.17 -6.15
N ARG B 96 -40.08 2.04 -5.84
CA ARG B 96 -40.63 1.10 -4.84
C ARG B 96 -39.91 1.22 -3.47
N SER B 97 -40.64 1.25 -2.36
CA SER B 97 -40.06 1.50 -1.06
C SER B 97 -39.53 0.20 -0.47
N LEU B 98 -38.19 0.11 -0.28
CA LEU B 98 -37.54 -1.12 0.33
C LEU B 98 -37.09 -0.87 1.81
N PRO B 99 -37.21 -1.89 2.73
CA PRO B 99 -36.71 -1.64 4.11
C PRO B 99 -35.21 -1.85 4.16
N LEU B 100 -34.48 -1.04 4.95
CA LEU B 100 -33.08 -1.36 5.23
C LEU B 100 -33.12 -2.62 6.07
N GLU B 101 -32.14 -3.49 5.89
CA GLU B 101 -31.92 -4.49 6.93
C GLU B 101 -30.96 -4.07 8.08
N GLU B 102 -31.10 -4.70 9.24
CA GLU B 102 -30.32 -4.40 10.45
C GLU B 102 -29.54 -5.65 10.80
N LYS B 103 -28.25 -5.48 11.04
CA LYS B 103 -27.44 -6.56 11.57
C LYS B 103 -26.77 -5.98 12.82
N SER B 104 -27.01 -6.59 13.99
CA SER B 104 -26.36 -6.14 15.23
C SER B 104 -25.11 -6.95 15.53
N VAL B 105 -24.04 -6.31 16.01
CA VAL B 105 -22.89 -7.07 16.48
C VAL B 105 -22.70 -6.72 17.95
N ALA B 106 -22.08 -7.59 18.73
CA ALA B 106 -21.99 -7.36 20.17
C ALA B 106 -20.50 -7.41 20.46
N ILE B 107 -19.97 -6.39 21.10
CA ILE B 107 -18.53 -6.30 21.39
C ILE B 107 -18.35 -6.33 22.92
N GLU B 108 -17.36 -7.04 23.40
CA GLU B 108 -17.01 -6.92 24.83
C GLU B 108 -16.02 -5.78 25.05
N VAL B 109 -16.24 -4.95 26.08
CA VAL B 109 -15.34 -3.85 26.32
C VAL B 109 -14.77 -3.95 27.76
N ARG B 110 -13.45 -3.93 27.91
CA ARG B 110 -12.82 -3.91 29.26
C ARG B 110 -12.84 -2.53 29.88
N GLY B 111 -13.44 -2.42 31.08
CA GLY B 111 -13.66 -1.09 31.70
C GLY B 111 -12.54 -0.55 32.60
N ALA B 112 -12.75 0.69 33.10
CA ALA B 112 -11.90 1.28 34.14
C ALA B 112 -11.70 0.18 35.19
N ASP B 113 -12.82 -0.38 35.67
CA ASP B 113 -12.74 -1.40 36.72
C ASP B 113 -12.17 -2.80 36.33
N GLY B 114 -11.58 -2.97 35.15
CA GLY B 114 -11.14 -4.33 34.67
C GLY B 114 -12.20 -5.38 34.30
N LYS B 115 -13.49 -5.08 34.42
CA LYS B 115 -14.52 -6.07 34.05
C LYS B 115 -14.97 -5.85 32.60
N LEU B 116 -15.66 -6.84 32.04
CA LEU B 116 -16.08 -6.76 30.64
C LEU B 116 -17.53 -6.30 30.61
N SER B 117 -17.86 -5.30 29.81
N SER B 117 -17.87 -5.32 29.79
CA SER B 117 -19.24 -5.02 29.53
CA SER B 117 -19.27 -5.01 29.54
C SER B 117 -19.51 -5.40 28.06
C SER B 117 -19.57 -4.99 28.02
N ARG B 118 -20.77 -5.47 27.69
CA ARG B 118 -21.15 -5.80 26.34
C ARG B 118 -21.84 -4.62 25.65
N VAL B 119 -21.39 -4.26 24.44
CA VAL B 119 -21.89 -3.13 23.70
C VAL B 119 -22.49 -3.71 22.44
N GLU B 120 -23.76 -3.42 22.18
CA GLU B 120 -24.47 -3.89 20.99
C GLU B 120 -24.52 -2.73 19.99
N HIS B 121 -24.31 -2.98 18.71
CA HIS B 121 -24.29 -1.86 17.78
C HIS B 121 -25.05 -2.37 16.56
N LYS B 122 -25.93 -1.52 16.02
CA LYS B 122 -26.73 -1.92 14.84
C LYS B 122 -26.05 -1.39 13.55
N VAL B 123 -25.79 -2.26 12.57
CA VAL B 123 -25.30 -1.85 11.28
C VAL B 123 -26.45 -1.92 10.30
N TYR B 124 -26.82 -0.78 9.71
CA TYR B 124 -27.92 -0.79 8.68
C TYR B 124 -27.32 -1.12 7.30
N GLN B 125 -28.04 -1.94 6.50
CA GLN B 125 -27.64 -2.39 5.22
C GLN B 125 -28.72 -2.24 4.18
N SER B 126 -28.30 -1.94 2.96
CA SER B 126 -29.23 -1.85 1.84
C SER B 126 -28.85 -3.03 0.94
N ILE B 127 -29.63 -3.20 -0.16
CA ILE B 127 -29.26 -4.22 -1.18
C ILE B 127 -27.82 -4.03 -1.69
N TYR B 128 -27.27 -2.82 -1.63
CA TYR B 128 -25.86 -2.58 -2.08
C TYR B 128 -24.76 -2.96 -1.08
N GLY B 129 -25.09 -2.94 0.20
CA GLY B 129 -24.05 -2.97 1.22
C GLY B 129 -24.42 -2.02 2.39
N PRO B 130 -23.48 -1.82 3.33
CA PRO B 130 -23.80 -1.05 4.51
C PRO B 130 -23.87 0.43 4.21
N LEU B 131 -24.59 1.15 5.07
CA LEU B 131 -24.67 2.60 4.94
C LEU B 131 -23.44 3.24 5.60
N VAL B 132 -23.04 4.42 5.07
CA VAL B 132 -21.83 5.11 5.56
C VAL B 132 -22.20 6.60 5.71
N VAL B 133 -21.79 7.20 6.84
CA VAL B 133 -21.99 8.63 7.12
C VAL B 133 -20.64 9.31 7.22
N TRP B 134 -20.42 10.33 6.39
CA TRP B 134 -19.26 11.19 6.51
CA TRP B 134 -19.28 11.25 6.45
C TRP B 134 -19.86 12.61 6.75
N PRO B 135 -19.84 13.05 8.03
CA PRO B 135 -20.55 14.30 8.42
C PRO B 135 -20.18 15.50 7.55
N GLY B 136 -21.22 16.18 7.06
CA GLY B 136 -21.04 17.32 6.20
C GLY B 136 -20.83 16.93 4.75
N LYS B 137 -20.72 15.63 4.43
CA LYS B 137 -20.45 15.30 3.03
C LYS B 137 -21.39 14.17 2.58
N LEU B 138 -21.39 13.03 3.29
CA LEU B 138 -22.33 11.97 2.99
C LEU B 138 -23.22 11.81 4.20
N ASP B 139 -24.28 12.59 4.31
CA ASP B 139 -25.11 12.48 5.52
C ASP B 139 -26.20 11.44 5.34
N TRP B 140 -26.86 11.09 6.43
CA TRP B 140 -28.09 10.33 6.35
C TRP B 140 -29.20 11.25 6.90
N ASN B 141 -29.96 11.89 6.01
CA ASN B 141 -30.99 12.82 6.46
C ASN B 141 -32.36 12.26 6.09
N ARG B 142 -33.43 13.11 5.96
CA ARG B 142 -34.74 12.55 5.59
C ARG B 142 -34.90 12.36 4.08
N SER B 143 -33.94 12.87 3.31
CA SER B 143 -33.98 12.82 1.87
CA SER B 143 -34.01 12.79 1.85
C SER B 143 -33.07 11.74 1.27
N GLU B 144 -31.84 11.61 1.82
CA GLU B 144 -30.84 10.76 1.16
C GLU B 144 -29.89 10.10 2.19
N ALA B 145 -29.29 8.98 1.78
CA ALA B 145 -28.26 8.31 2.56
C ALA B 145 -27.30 7.69 1.53
N TYR B 146 -26.18 7.10 2.00
CA TYR B 146 -25.19 6.48 1.11
C TYR B 146 -24.89 5.09 1.61
N ALA B 147 -24.83 4.15 0.66
CA ALA B 147 -24.44 2.83 0.93
C ALA B 147 -23.13 2.60 0.11
N LEU B 148 -22.41 1.57 0.49
CA LEU B 148 -21.10 1.38 -0.11
C LEU B 148 -20.98 -0.12 -0.54
N ARG B 149 -20.78 -0.39 -1.83
CA ARG B 149 -20.66 -1.78 -2.22
C ARG B 149 -19.18 -1.98 -2.58
N ASP B 150 -18.49 -2.85 -1.83
CA ASP B 150 -17.04 -3.08 -2.05
C ASP B 150 -16.83 -4.35 -2.91
N ALA B 151 -16.15 -4.26 -4.03
CA ALA B 151 -16.11 -5.40 -4.94
C ALA B 151 -15.21 -6.52 -4.37
N ASN B 152 -14.18 -6.14 -3.59
CA ASN B 152 -13.36 -7.22 -2.96
C ASN B 152 -14.01 -8.03 -1.85
N LEU B 153 -15.21 -7.65 -1.35
CA LEU B 153 -15.91 -8.52 -0.38
C LEU B 153 -16.27 -9.87 -0.93
N GLU B 154 -16.36 -9.99 -2.25
CA GLU B 154 -16.67 -11.30 -2.86
C GLU B 154 -15.46 -11.90 -3.53
N ASN B 155 -14.29 -11.27 -3.43
CA ASN B 155 -13.10 -11.77 -4.03
C ASN B 155 -12.50 -12.89 -3.12
N THR B 156 -12.96 -14.12 -3.30
CA THR B 156 -12.48 -15.25 -2.54
C THR B 156 -11.19 -15.82 -3.23
N ARG B 157 -10.73 -15.20 -4.31
CA ARG B 157 -9.70 -15.77 -5.14
C ARG B 157 -8.28 -15.19 -4.83
N VAL B 158 -8.18 -14.29 -3.86
CA VAL B 158 -6.95 -13.48 -3.74
C VAL B 158 -5.74 -14.35 -3.39
N LEU B 159 -5.89 -15.30 -2.45
CA LEU B 159 -4.68 -16.13 -2.04
C LEU B 159 -4.29 -17.12 -3.14
N GLN B 160 -5.31 -17.70 -3.79
CA GLN B 160 -5.04 -18.65 -4.94
C GLN B 160 -4.31 -17.87 -6.03
N GLN B 161 -4.68 -16.60 -6.16
CA GLN B 161 -4.11 -15.76 -7.20
C GLN B 161 -2.63 -15.50 -7.01
N TRP B 162 -2.25 -15.11 -5.79
CA TRP B 162 -0.80 -14.94 -5.49
C TRP B 162 -0.06 -16.31 -5.50
N TYR B 163 -0.69 -17.37 -5.02
CA TYR B 163 -0.03 -18.69 -5.10
C TYR B 163 0.20 -19.02 -6.59
N SER B 164 -0.72 -18.64 -7.44
CA SER B 164 -0.58 -18.88 -8.86
C SER B 164 0.52 -18.06 -9.51
N ILE B 165 0.55 -16.77 -9.18
CA ILE B 165 1.67 -15.92 -9.60
C ILE B 165 2.99 -16.50 -9.11
N ASN B 166 3.05 -16.99 -7.85
CA ASN B 166 4.34 -17.64 -7.35
C ASN B 166 4.83 -18.84 -8.22
N GLN B 167 3.90 -19.46 -8.93
CA GLN B 167 4.20 -20.63 -9.77
C GLN B 167 4.43 -20.20 -11.22
N ALA B 168 4.27 -18.92 -11.56
CA ALA B 168 4.46 -18.48 -12.96
C ALA B 168 5.89 -18.62 -13.54
N SER B 169 5.98 -19.05 -14.79
CA SER B 169 7.28 -19.16 -15.44
C SER B 169 7.81 -17.89 -16.02
N ASP B 170 7.06 -17.20 -16.88
CA ASP B 170 7.56 -15.98 -17.47
C ASP B 170 6.43 -14.96 -17.54
N VAL B 171 6.64 -13.87 -18.28
CA VAL B 171 5.69 -12.78 -18.36
C VAL B 171 4.41 -13.23 -19.01
N ALA B 172 4.51 -13.95 -20.14
CA ALA B 172 3.29 -14.43 -20.79
C ALA B 172 2.48 -15.31 -19.82
N ASP B 173 3.14 -16.22 -19.10
CA ASP B 173 2.41 -17.14 -18.20
C ASP B 173 1.75 -16.31 -17.03
N LEU B 174 2.51 -15.34 -16.53
CA LEU B 174 2.01 -14.42 -15.45
C LEU B 174 0.73 -13.76 -15.93
N ARG B 175 0.80 -13.14 -17.13
CA ARG B 175 -0.43 -12.52 -17.67
C ARG B 175 -1.60 -13.48 -17.81
N ARG B 176 -1.36 -14.72 -18.28
CA ARG B 176 -2.45 -15.67 -18.43
C ARG B 176 -3.07 -15.96 -17.04
N ARG B 177 -2.20 -16.15 -16.06
CA ARG B 177 -2.62 -16.63 -14.73
C ARG B 177 -3.40 -15.49 -13.99
N VAL B 178 -3.03 -14.25 -14.21
CA VAL B 178 -3.77 -13.09 -13.61
C VAL B 178 -5.11 -12.81 -14.37
N GLU B 179 -5.05 -12.87 -15.71
CA GLU B 179 -6.26 -12.61 -16.47
C GLU B 179 -7.27 -13.73 -16.28
N ALA B 180 -6.80 -14.97 -16.08
CA ALA B 180 -7.73 -16.06 -15.85
C ALA B 180 -8.46 -15.94 -14.53
N LEU B 181 -7.77 -15.57 -13.45
CA LEU B 181 -8.43 -15.71 -12.16
C LEU B 181 -9.03 -14.36 -11.61
N GLN B 182 -8.43 -13.26 -12.03
CA GLN B 182 -8.86 -11.90 -11.66
C GLN B 182 -8.97 -11.81 -10.15
N GLY B 183 -7.92 -12.29 -9.46
CA GLY B 183 -7.98 -12.32 -7.98
C GLY B 183 -7.22 -11.18 -7.34
N ILE B 184 -6.56 -10.31 -8.14
CA ILE B 184 -5.73 -9.27 -7.55
C ILE B 184 -6.67 -8.13 -7.05
N PRO B 185 -6.60 -7.73 -5.72
CA PRO B 185 -7.60 -6.81 -5.21
C PRO B 185 -7.50 -5.37 -5.68
N TRP B 186 -6.32 -4.73 -5.54
CA TRP B 186 -6.28 -3.28 -5.77
C TRP B 186 -4.95 -2.73 -6.15
N VAL B 187 -4.10 -3.55 -6.78
CA VAL B 187 -2.81 -3.05 -7.26
C VAL B 187 -2.58 -3.39 -8.77
N ASN B 188 -1.76 -2.59 -9.41
CA ASN B 188 -1.16 -2.83 -10.72
C ASN B 188 -0.15 -3.93 -10.55
N THR B 189 0.17 -4.63 -11.63
CA THR B 189 1.28 -5.56 -11.59
C THR B 189 2.30 -5.17 -12.66
N LEU B 190 3.62 -5.22 -12.34
CA LEU B 190 4.66 -4.94 -13.35
C LEU B 190 5.66 -6.05 -13.21
N ALA B 191 6.27 -6.46 -14.31
CA ALA B 191 7.08 -7.64 -14.28
C ALA B 191 8.06 -7.60 -15.38
N ALA B 192 9.10 -8.41 -15.24
CA ALA B 192 10.05 -8.62 -16.36
C ALA B 192 10.52 -10.06 -16.30
N ASP B 193 10.88 -10.63 -17.48
CA ASP B 193 11.34 -11.98 -17.54
C ASP B 193 12.75 -12.09 -18.15
N GLU B 194 13.39 -13.26 -18.02
CA GLU B 194 14.71 -13.47 -18.61
C GLU B 194 14.78 -13.18 -20.14
N GLN B 195 13.74 -13.56 -20.88
CA GLN B 195 13.63 -13.29 -22.32
C GLN B 195 13.54 -11.75 -22.67
N GLY B 196 13.30 -10.88 -21.70
CA GLY B 196 13.39 -9.47 -21.98
C GLY B 196 12.03 -8.84 -22.26
N ASN B 197 10.95 -9.46 -21.83
CA ASN B 197 9.62 -8.86 -21.97
C ASN B 197 9.35 -7.97 -20.71
N ALA B 198 8.76 -6.80 -20.91
CA ALA B 198 8.39 -5.92 -19.80
C ALA B 198 6.85 -5.74 -19.80
N LEU B 199 6.19 -6.03 -18.70
CA LEU B 199 4.70 -6.15 -18.68
C LEU B 199 4.12 -5.16 -17.64
N TYR B 200 3.11 -4.42 -18.03
CA TYR B 200 2.31 -3.68 -17.02
C TYR B 200 0.88 -4.21 -17.15
N MET B 201 0.19 -4.45 -16.02
CA MET B 201 -1.25 -4.73 -16.04
C MET B 201 -1.91 -3.93 -14.94
N ASN B 202 -3.01 -3.29 -15.29
CA ASN B 202 -3.93 -2.74 -14.32
C ASN B 202 -5.01 -3.80 -14.19
N GLN B 203 -4.60 -4.99 -13.76
CA GLN B 203 -5.52 -6.11 -13.69
C GLN B 203 -5.95 -6.43 -12.25
N SER B 204 -7.08 -5.86 -11.82
CA SER B 204 -7.54 -6.02 -10.44
C SER B 204 -9.04 -6.16 -10.48
N VAL B 205 -9.69 -6.15 -9.31
CA VAL B 205 -11.15 -6.39 -9.18
C VAL B 205 -11.79 -4.97 -9.13
N VAL B 206 -12.53 -4.61 -10.18
CA VAL B 206 -13.03 -3.24 -10.46
C VAL B 206 -14.51 -3.40 -10.84
N PRO B 207 -15.40 -2.68 -10.15
CA PRO B 207 -16.85 -2.73 -10.39
C PRO B 207 -17.08 -2.38 -11.86
N TYR B 208 -17.95 -3.14 -12.52
CA TYR B 208 -18.15 -2.94 -13.93
C TYR B 208 -19.48 -2.21 -14.19
N LEU B 209 -19.44 -1.15 -15.01
CA LEU B 209 -20.71 -0.58 -15.49
C LEU B 209 -20.56 -0.40 -16.99
N LYS B 210 -21.50 -0.91 -17.80
CA LYS B 210 -21.30 -0.66 -19.27
C LYS B 210 -21.19 0.83 -19.56
N PRO B 211 -20.41 1.23 -20.57
CA PRO B 211 -20.08 2.65 -20.75
C PRO B 211 -21.27 3.58 -21.03
N GLU B 212 -22.30 3.06 -21.67
CA GLU B 212 -23.44 3.89 -21.94
C GLU B 212 -24.21 4.20 -20.64
N LEU B 213 -23.97 3.48 -19.55
CA LEU B 213 -24.73 3.72 -18.32
C LEU B 213 -24.10 4.84 -17.48
N ILE B 214 -22.81 5.06 -17.69
CA ILE B 214 -22.06 5.90 -16.77
C ILE B 214 -22.63 7.32 -16.67
N PRO B 215 -22.83 8.02 -17.82
CA PRO B 215 -23.29 9.40 -17.70
C PRO B 215 -24.56 9.60 -16.86
N ALA B 216 -25.60 8.76 -16.96
CA ALA B 216 -26.76 8.95 -16.09
C ALA B 216 -26.61 8.27 -14.77
N CYS B 217 -25.71 7.28 -14.67
CA CYS B 217 -25.62 6.55 -13.37
C CYS B 217 -24.66 7.25 -12.36
N ALA B 218 -23.77 8.09 -12.85
CA ALA B 218 -22.83 8.84 -12.01
C ALA B 218 -23.52 9.90 -11.13
N ILE B 219 -22.95 10.21 -9.99
CA ILE B 219 -23.42 11.36 -9.22
C ILE B 219 -22.41 12.48 -9.56
N PRO B 220 -22.85 13.47 -10.38
CA PRO B 220 -21.87 14.36 -11.05
C PRO B 220 -20.95 15.15 -10.10
N GLN B 221 -21.49 15.67 -9.00
CA GLN B 221 -20.73 16.43 -8.01
C GLN B 221 -19.70 15.51 -7.33
N LEU B 222 -20.04 14.24 -7.07
CA LEU B 222 -19.12 13.39 -6.31
C LEU B 222 -18.02 12.86 -7.17
N VAL B 223 -18.37 12.55 -8.41
CA VAL B 223 -17.35 12.08 -9.34
C VAL B 223 -16.36 13.18 -9.68
N ALA B 224 -16.86 14.43 -9.65
CA ALA B 224 -16.00 15.60 -9.84
C ALA B 224 -14.73 15.48 -8.98
N GLU B 225 -14.85 15.14 -7.70
CA GLU B 225 -13.69 14.91 -6.82
C GLU B 225 -13.23 13.42 -6.74
N GLY B 226 -13.49 12.60 -7.75
CA GLY B 226 -12.96 11.23 -7.81
C GLY B 226 -13.54 10.22 -6.81
N LEU B 227 -14.75 10.44 -6.28
CA LEU B 227 -15.44 9.41 -5.51
C LEU B 227 -16.33 8.64 -6.50
N PRO B 228 -16.22 7.31 -6.53
CA PRO B 228 -17.00 6.49 -7.48
C PRO B 228 -18.43 6.39 -6.98
N ALA B 229 -19.31 7.30 -7.41
CA ALA B 229 -20.58 7.39 -6.71
C ALA B 229 -21.64 7.14 -7.79
N LEU B 230 -22.61 6.28 -7.50
CA LEU B 230 -23.65 5.97 -8.47
C LEU B 230 -25.07 6.25 -7.91
N GLN B 231 -26.08 6.29 -8.82
CA GLN B 231 -27.47 6.54 -8.42
C GLN B 231 -28.12 5.27 -7.90
N GLY B 232 -28.37 5.21 -6.60
CA GLY B 232 -28.87 3.96 -6.03
C GLY B 232 -30.37 3.86 -6.05
N GLN B 233 -31.10 4.81 -6.67
CA GLN B 233 -32.58 4.71 -6.78
C GLN B 233 -33.10 4.10 -8.14
N ASP B 234 -32.17 3.71 -8.99
CA ASP B 234 -32.43 3.18 -10.31
C ASP B 234 -31.74 1.80 -10.43
N SER B 235 -32.55 0.76 -10.64
CA SER B 235 -32.00 -0.60 -10.75
C SER B 235 -31.05 -0.77 -11.95
N ARG B 236 -31.07 0.13 -12.94
CA ARG B 236 -30.20 -0.03 -14.07
C ARG B 236 -28.78 0.42 -13.76
N CYS B 237 -28.60 1.01 -12.56
CA CYS B 237 -27.23 1.43 -12.04
C CYS B 237 -26.53 0.31 -11.22
N ALA B 238 -27.14 -0.86 -11.15
CA ALA B 238 -26.46 -2.08 -10.59
C ALA B 238 -25.23 -2.38 -11.40
N TRP B 239 -24.18 -2.94 -10.79
CA TRP B 239 -23.01 -3.30 -11.58
C TRP B 239 -23.42 -4.22 -12.72
N SER B 240 -22.82 -4.05 -13.90
CA SER B 240 -23.27 -4.83 -15.13
C SER B 240 -22.68 -6.27 -15.05
N ARG B 241 -23.43 -7.30 -15.53
CA ARG B 241 -22.97 -8.71 -15.52
C ARG B 241 -22.36 -9.00 -16.87
N ASP B 242 -21.28 -9.74 -16.89
CA ASP B 242 -20.71 -10.10 -18.19
C ASP B 242 -20.12 -11.48 -17.97
N PRO B 243 -20.52 -12.49 -18.80
CA PRO B 243 -20.11 -13.83 -18.32
C PRO B 243 -18.63 -14.10 -18.52
N ALA B 244 -17.88 -13.17 -19.12
CA ALA B 244 -16.45 -13.33 -19.23
C ALA B 244 -15.73 -12.91 -17.91
N ALA B 245 -16.44 -12.25 -17.00
CA ALA B 245 -15.76 -11.80 -15.78
C ALA B 245 -15.71 -12.93 -14.77
N ALA B 246 -14.61 -12.99 -14.01
CA ALA B 246 -14.42 -14.06 -13.04
C ALA B 246 -15.37 -13.93 -11.84
N GLN B 247 -15.95 -12.76 -11.61
CA GLN B 247 -16.82 -12.58 -10.48
C GLN B 247 -18.01 -11.72 -10.97
N ALA B 248 -19.22 -12.05 -10.55
CA ALA B 248 -20.42 -11.31 -11.05
C ALA B 248 -20.37 -9.80 -10.68
N GLY B 249 -20.45 -8.91 -11.67
CA GLY B 249 -20.33 -7.47 -11.43
C GLY B 249 -18.96 -6.82 -11.62
N ILE B 250 -17.87 -7.58 -11.89
CA ILE B 250 -16.58 -6.93 -12.07
C ILE B 250 -16.24 -6.80 -13.52
N THR B 251 -15.27 -5.94 -13.84
CA THR B 251 -14.81 -5.69 -15.21
C THR B 251 -14.09 -6.95 -15.76
N PRO B 252 -14.48 -7.44 -16.98
CA PRO B 252 -13.71 -8.50 -17.70
C PRO B 252 -12.27 -8.10 -17.95
N ALA B 253 -11.39 -9.07 -17.89
CA ALA B 253 -9.99 -8.84 -18.00
C ALA B 253 -9.67 -8.13 -19.28
N ALA B 254 -10.42 -8.44 -20.35
CA ALA B 254 -10.18 -7.81 -21.69
C ALA B 254 -10.39 -6.30 -21.73
N GLN B 255 -11.13 -5.76 -20.77
CA GLN B 255 -11.36 -4.34 -20.73
C GLN B 255 -10.48 -3.56 -19.76
N LEU B 256 -9.44 -4.23 -19.19
CA LEU B 256 -8.53 -3.56 -18.21
C LEU B 256 -7.21 -3.31 -18.89
N PRO B 257 -6.53 -2.21 -18.59
CA PRO B 257 -5.33 -1.89 -19.35
C PRO B 257 -4.26 -2.90 -19.20
N VAL B 258 -3.60 -3.23 -20.31
CA VAL B 258 -2.38 -4.05 -20.22
C VAL B 258 -1.40 -3.47 -21.23
N LEU B 259 -0.12 -3.40 -20.90
CA LEU B 259 0.85 -2.97 -21.90
C LEU B 259 2.03 -3.98 -21.89
N LEU B 260 2.34 -4.62 -23.02
CA LEU B 260 3.50 -5.54 -23.09
C LEU B 260 4.53 -4.96 -24.06
N ARG B 261 5.76 -4.65 -23.60
CA ARG B 261 6.80 -4.01 -24.40
C ARG B 261 8.13 -4.64 -24.19
N ARG B 262 9.07 -4.24 -25.05
CA ARG B 262 10.43 -4.69 -24.94
C ARG B 262 11.33 -3.57 -24.59
N ASP B 263 10.75 -2.40 -24.40
CA ASP B 263 11.63 -1.32 -23.89
C ASP B 263 11.49 -1.06 -22.37
N PHE B 264 10.36 -0.48 -21.91
CA PHE B 264 10.16 -0.31 -20.46
C PHE B 264 8.70 -0.04 -20.21
N VAL B 265 8.27 -0.36 -18.97
CA VAL B 265 7.00 0.18 -18.45
C VAL B 265 7.30 0.68 -17.00
N GLN B 266 6.49 1.63 -16.53
CA GLN B 266 6.74 2.14 -15.20
C GLN B 266 5.41 2.59 -14.55
N ASN B 267 5.30 2.63 -13.22
CA ASN B 267 4.15 3.23 -12.59
C ASN B 267 4.56 3.71 -11.20
N SER B 268 4.13 4.91 -10.87
CA SER B 268 4.31 5.46 -9.57
C SER B 268 2.93 5.92 -9.03
N ASN B 269 1.90 5.05 -9.09
CA ASN B 269 0.51 5.30 -8.50
C ASN B 269 -0.28 6.30 -9.28
N ASP B 270 0.18 6.67 -10.47
CA ASP B 270 -0.75 7.31 -11.41
C ASP B 270 -1.57 6.23 -12.18
N SER B 271 -2.52 6.68 -13.01
CA SER B 271 -3.31 5.70 -13.83
C SER B 271 -2.44 5.02 -14.88
N ALA B 272 -3.06 4.13 -15.59
CA ALA B 272 -2.40 3.41 -16.67
C ALA B 272 -1.90 4.32 -17.80
N TRP B 273 -2.47 5.52 -17.93
CA TRP B 273 -2.26 6.33 -19.14
C TRP B 273 -0.79 6.38 -19.65
N LEU B 274 0.17 6.87 -18.83
CA LEU B 274 1.52 7.10 -19.28
C LEU B 274 2.53 6.05 -18.79
N THR B 275 2.06 4.83 -18.56
CA THR B 275 2.93 3.69 -18.26
C THR B 275 4.13 3.64 -19.21
N ASN B 276 3.90 3.84 -20.51
CA ASN B 276 5.06 4.25 -21.35
C ASN B 276 4.51 5.26 -22.41
N PRO B 277 4.96 6.52 -22.32
CA PRO B 277 4.35 7.57 -23.19
C PRO B 277 4.41 7.28 -24.70
N ALA B 278 5.35 6.45 -25.16
CA ALA B 278 5.39 6.08 -26.60
C ALA B 278 4.14 5.29 -26.98
N SER B 279 3.43 4.78 -25.97
CA SER B 279 2.19 4.08 -26.21
C SER B 279 1.08 4.40 -25.18
N PRO B 280 0.41 5.56 -25.32
CA PRO B 280 -0.47 5.91 -24.20
C PRO B 280 -1.63 4.90 -24.07
N LEU B 281 -2.05 4.61 -22.83
CA LEU B 281 -3.22 3.76 -22.59
C LEU B 281 -4.40 4.66 -22.36
N GLN B 282 -5.39 4.59 -23.27
CA GLN B 282 -6.47 5.56 -23.34
C GLN B 282 -7.73 4.82 -23.66
N GLY B 283 -8.88 5.47 -23.42
CA GLY B 283 -10.16 4.93 -23.79
C GLY B 283 -10.80 3.97 -22.78
N PHE B 284 -10.36 4.00 -21.49
CA PHE B 284 -10.95 3.10 -20.46
C PHE B 284 -12.14 3.71 -19.70
N SER B 285 -12.96 2.89 -19.05
CA SER B 285 -13.97 3.41 -18.13
C SER B 285 -13.34 4.39 -17.11
N PRO B 286 -14.08 5.44 -16.74
CA PRO B 286 -13.53 6.30 -15.69
C PRO B 286 -13.37 5.53 -14.34
N LEU B 287 -14.02 4.36 -14.19
CA LEU B 287 -13.88 3.53 -12.94
C LEU B 287 -12.53 2.82 -13.02
N VAL B 288 -11.94 2.82 -14.20
CA VAL B 288 -10.68 2.06 -14.44
C VAL B 288 -9.41 2.92 -14.56
N SER B 289 -9.40 3.85 -15.51
CA SER B 289 -8.15 4.62 -15.73
C SER B 289 -8.56 5.88 -16.44
N GLN B 290 -8.02 7.02 -16.00
CA GLN B 290 -8.28 8.32 -16.62
C GLN B 290 -7.01 9.02 -16.94
N GLU B 291 -7.09 9.88 -17.93
CA GLU B 291 -5.91 10.63 -18.30
C GLU B 291 -5.72 11.84 -17.40
N LYS B 292 -5.19 11.66 -16.18
CA LYS B 292 -4.87 12.78 -15.26
C LYS B 292 -3.40 13.19 -15.27
N PRO B 293 -3.10 14.44 -14.91
CA PRO B 293 -1.67 14.83 -14.78
C PRO B 293 -0.91 13.84 -13.88
N ILE B 294 0.34 13.47 -14.21
CA ILE B 294 1.07 12.50 -13.40
C ILE B 294 1.80 13.20 -12.27
N GLY B 295 1.94 12.52 -11.15
CA GLY B 295 2.60 13.11 -10.01
C GLY B 295 4.10 13.23 -10.28
N PRO B 296 4.83 13.85 -9.36
CA PRO B 296 6.26 14.11 -9.62
C PRO B 296 7.14 12.85 -9.58
N ARG B 297 6.76 11.77 -8.86
CA ARG B 297 7.62 10.57 -8.94
C ARG B 297 7.64 9.98 -10.35
N ALA B 298 6.45 9.85 -10.99
CA ALA B 298 6.39 9.36 -12.35
C ALA B 298 7.12 10.31 -13.31
N ARG B 299 6.98 11.62 -13.13
CA ARG B 299 7.65 12.54 -14.02
C ARG B 299 9.15 12.38 -13.91
N TYR B 300 9.61 12.21 -12.67
CA TYR B 300 11.02 11.99 -12.43
C TYR B 300 11.47 10.70 -13.15
N ALA B 301 10.75 9.61 -12.91
CA ALA B 301 11.16 8.37 -13.49
C ALA B 301 11.15 8.49 -15.03
N LEU B 302 10.10 9.04 -15.60
CA LEU B 302 10.06 9.17 -17.05
C LEU B 302 11.22 10.05 -17.60
N SER B 303 11.66 11.01 -16.81
CA SER B 303 12.79 11.88 -17.23
C SER B 303 14.07 11.07 -17.27
N ARG B 304 14.20 10.02 -16.45
CA ARG B 304 15.44 9.20 -16.40
C ARG B 304 15.36 8.09 -17.44
N LEU B 305 14.14 7.64 -17.80
CA LEU B 305 13.98 6.49 -18.63
C LEU B 305 13.86 6.75 -20.12
N GLN B 306 13.34 7.90 -20.52
CA GLN B 306 13.11 8.12 -21.94
C GLN B 306 14.43 8.31 -22.71
N GLY B 307 14.42 8.02 -24.01
CA GLY B 307 15.67 8.12 -24.74
C GLY B 307 16.19 6.75 -25.16
N LYS B 308 17.44 6.67 -25.59
CA LYS B 308 17.89 5.46 -26.30
C LYS B 308 19.06 4.72 -25.64
N GLN B 309 19.57 5.30 -24.57
CA GLN B 309 20.69 4.71 -23.86
C GLN B 309 20.21 3.51 -23.02
N PRO B 310 21.02 2.43 -23.01
CA PRO B 310 20.80 1.26 -22.18
C PRO B 310 20.68 1.60 -20.69
N LEU B 311 19.89 0.80 -19.98
CA LEU B 311 19.68 1.00 -18.54
C LEU B 311 20.39 -0.13 -17.88
N GLU B 312 21.29 0.20 -16.95
CA GLU B 312 21.98 -0.81 -16.12
C GLU B 312 21.27 -0.96 -14.76
N ALA B 313 21.50 -2.10 -14.09
CA ALA B 313 20.97 -2.29 -12.73
C ALA B 313 21.30 -1.08 -11.88
N LYS B 314 22.55 -0.65 -11.97
CA LYS B 314 23.05 0.50 -11.24
C LYS B 314 22.24 1.75 -11.48
N THR B 315 21.78 1.96 -12.69
CA THR B 315 21.03 3.16 -12.93
C THR B 315 19.70 3.12 -12.12
N LEU B 316 19.06 1.93 -12.05
CA LEU B 316 17.72 1.85 -11.39
C LEU B 316 17.97 1.95 -9.90
N GLU B 317 19.06 1.37 -9.40
CA GLU B 317 19.33 1.48 -7.96
C GLU B 317 19.47 2.96 -7.62
N GLU B 318 20.24 3.69 -8.45
CA GLU B 318 20.51 5.10 -8.15
C GLU B 318 19.32 6.03 -8.27
N MET B 319 18.27 5.62 -9.01
CA MET B 319 17.08 6.41 -9.07
C MET B 319 16.46 6.41 -7.65
N VAL B 320 16.70 5.33 -6.88
CA VAL B 320 16.21 5.32 -5.50
C VAL B 320 17.21 6.03 -4.59
N THR B 321 18.48 5.67 -4.67
CA THR B 321 19.37 6.07 -3.55
C THR B 321 19.90 7.50 -3.76
N ALA B 322 19.60 8.12 -4.91
CA ALA B 322 19.98 9.53 -5.12
C ALA B 322 19.18 10.47 -4.18
N ASN B 323 18.01 10.01 -3.72
CA ASN B 323 17.07 10.88 -2.95
C ASN B 323 16.82 12.25 -3.57
N HIS B 324 16.68 12.35 -4.88
CA HIS B 324 16.50 13.65 -5.51
C HIS B 324 15.06 14.15 -5.32
N VAL B 325 14.94 15.43 -4.92
CA VAL B 325 13.60 16.00 -4.65
C VAL B 325 13.15 16.63 -5.96
N PHE B 326 12.52 15.80 -6.80
CA PHE B 326 12.22 16.19 -8.12
C PHE B 326 11.27 17.41 -8.23
N SER B 327 10.37 17.57 -7.24
CA SER B 327 9.45 18.75 -7.26
C SER B 327 10.27 20.05 -7.23
N ALA B 328 11.45 20.02 -6.60
CA ALA B 328 12.35 21.21 -6.63
C ALA B 328 12.68 21.62 -8.07
N ASP B 329 12.92 20.66 -8.99
CA ASP B 329 13.15 20.98 -10.44
C ASP B 329 12.09 21.93 -11.03
N GLN B 330 10.84 21.80 -10.58
CA GLN B 330 9.76 22.64 -11.12
C GLN B 330 9.71 24.03 -10.54
N VAL B 331 10.10 24.22 -9.29
CA VAL B 331 9.90 25.51 -8.64
C VAL B 331 11.13 26.20 -8.12
N LEU B 332 12.17 25.44 -7.83
CA LEU B 332 13.30 26.05 -7.14
C LEU B 332 14.10 27.06 -7.99
N PRO B 333 14.29 26.81 -9.30
CA PRO B 333 14.95 27.89 -10.11
C PRO B 333 14.19 29.25 -10.01
N ASP B 334 12.89 29.25 -10.28
CA ASP B 334 12.10 30.50 -10.07
C ASP B 334 12.11 31.05 -8.65
N LEU B 335 12.07 30.15 -7.68
CA LEU B 335 12.10 30.57 -6.29
C LEU B 335 13.42 31.28 -5.92
N LEU B 336 14.56 30.80 -6.45
CA LEU B 336 15.83 31.38 -6.05
C LEU B 336 15.99 32.79 -6.65
N ARG B 337 15.35 32.97 -7.79
CA ARG B 337 15.24 34.21 -8.53
C ARG B 337 14.42 35.22 -7.70
N LEU B 338 13.21 34.85 -7.28
CA LEU B 338 12.49 35.64 -6.25
C LEU B 338 13.39 35.98 -5.06
N CYS B 339 14.17 35.02 -4.57
CA CYS B 339 15.10 35.33 -3.51
C CYS B 339 16.14 36.43 -3.91
N ARG B 340 16.69 36.34 -5.14
CA ARG B 340 17.71 37.32 -5.56
C ARG B 340 17.02 38.68 -5.68
N ASP B 341 15.81 38.69 -6.23
CA ASP B 341 14.97 39.92 -6.37
C ASP B 341 14.60 40.60 -5.02
N ASN B 342 14.91 39.96 -3.89
CA ASN B 342 14.49 40.44 -2.58
C ASN B 342 15.59 40.48 -1.57
N GLN B 343 16.80 40.72 -2.02
CA GLN B 343 17.95 40.60 -1.09
C GLN B 343 17.89 41.64 0.01
N GLY B 344 18.50 41.32 1.13
CA GLY B 344 18.42 42.17 2.32
C GLY B 344 17.01 42.42 2.86
N GLU B 345 16.00 41.72 2.33
CA GLU B 345 14.67 41.65 2.95
C GLU B 345 14.78 40.62 4.07
N LYS B 346 14.88 41.07 5.31
CA LYS B 346 15.42 40.21 6.36
C LYS B 346 14.54 39.01 6.80
N SER B 347 13.23 39.05 6.53
CA SER B 347 12.38 37.90 6.86
C SER B 347 12.81 36.67 5.99
N LEU B 348 13.36 36.93 4.80
CA LEU B 348 13.68 35.91 3.81
C LEU B 348 15.13 35.41 3.81
N ALA B 349 16.00 36.11 4.51
CA ALA B 349 17.44 35.82 4.50
C ALA B 349 17.89 34.34 4.83
N ARG B 350 17.46 33.82 5.98
CA ARG B 350 17.81 32.47 6.36
C ARG B 350 17.20 31.46 5.32
N ALA B 351 15.93 31.62 4.99
CA ALA B 351 15.30 30.75 4.02
C ALA B 351 16.07 30.72 2.70
N CYS B 352 16.34 31.91 2.13
CA CYS B 352 17.01 31.99 0.82
C CYS B 352 18.41 31.42 0.84
N ALA B 353 19.17 31.62 1.90
CA ALA B 353 20.51 31.02 2.00
C ALA B 353 20.36 29.47 2.09
N ALA B 354 19.41 28.98 2.90
CA ALA B 354 19.25 27.51 3.06
C ALA B 354 18.90 26.92 1.73
N LEU B 355 17.94 27.52 1.04
CA LEU B 355 17.60 27.06 -0.27
C LEU B 355 18.76 27.09 -1.29
N ALA B 356 19.57 28.18 -1.33
CA ALA B 356 20.68 28.21 -2.29
C ALA B 356 21.80 27.21 -1.96
N GLN B 357 22.02 26.96 -0.68
CA GLN B 357 23.07 26.01 -0.28
C GLN B 357 22.59 24.54 -0.47
N TRP B 358 21.29 24.34 -0.68
CA TRP B 358 20.72 22.97 -0.63
C TRP B 358 21.08 22.11 -1.83
N ASP B 359 21.43 20.86 -1.59
CA ASP B 359 21.74 19.95 -2.70
C ASP B 359 20.51 19.40 -3.44
N ARG B 360 19.29 19.92 -3.13
CA ARG B 360 18.05 19.46 -3.83
C ARG B 360 17.70 17.95 -3.55
N GLY B 361 18.24 17.48 -2.44
CA GLY B 361 18.14 16.06 -2.08
C GLY B 361 17.50 15.81 -0.72
N ALA B 362 17.08 14.54 -0.47
CA ALA B 362 16.60 14.13 0.85
C ALA B 362 17.60 13.13 1.45
N ASN B 363 18.89 13.40 1.23
CA ASN B 363 20.03 12.60 1.85
C ASN B 363 20.18 12.84 3.34
N LEU B 364 20.80 11.93 4.09
CA LEU B 364 21.03 12.17 5.50
C LEU B 364 21.72 13.55 5.68
N ASP B 365 22.65 13.86 4.78
CA ASP B 365 23.45 15.09 4.91
CA ASP B 365 23.48 15.08 4.90
C ASP B 365 22.86 16.33 4.26
N SER B 366 21.72 16.17 3.59
CA SER B 366 21.03 17.26 2.95
C SER B 366 20.73 18.42 3.93
N GLY B 367 21.00 19.63 3.49
CA GLY B 367 20.78 20.78 4.40
C GLY B 367 19.31 21.17 4.64
N SER B 368 19.13 22.05 5.62
CA SER B 368 17.79 22.53 6.04
C SER B 368 16.98 23.21 4.90
N GLY B 369 17.64 23.51 3.78
CA GLY B 369 16.91 23.84 2.53
C GLY B 369 15.74 22.92 2.24
N PHE B 370 15.92 21.59 2.46
CA PHE B 370 14.81 20.66 2.21
C PHE B 370 13.57 21.03 3.09
N VAL B 371 13.78 21.35 4.36
CA VAL B 371 12.66 21.63 5.30
C VAL B 371 11.99 22.96 4.90
N TYR B 372 12.77 24.01 4.62
CA TYR B 372 12.15 25.19 3.95
C TYR B 372 11.42 24.90 2.70
N PHE B 373 11.99 24.09 1.82
CA PHE B 373 11.28 23.77 0.57
C PHE B 373 9.94 23.04 0.82
N GLN B 374 9.93 22.14 1.78
CA GLN B 374 8.68 21.42 2.05
C GLN B 374 7.59 22.37 2.54
N ARG B 375 7.92 23.22 3.51
CA ARG B 375 6.87 24.05 4.09
C ARG B 375 6.43 25.09 3.08
N PHE B 376 7.32 25.50 2.17
CA PHE B 376 6.93 26.42 1.13
C PHE B 376 5.98 25.74 0.15
N MET B 377 6.35 24.53 -0.26
CA MET B 377 5.55 23.77 -1.22
C MET B 377 4.13 23.48 -0.71
N GLN B 378 4.00 23.28 0.60
CA GLN B 378 2.66 23.03 1.25
C GLN B 378 1.78 24.22 1.02
N ARG B 379 2.33 25.42 1.20
CA ARG B 379 1.64 26.66 0.81
C ARG B 379 1.47 26.90 -0.73
N PHE B 380 2.51 26.68 -1.52
CA PHE B 380 2.43 26.92 -2.96
C PHE B 380 1.30 26.13 -3.57
N ALA B 381 1.09 24.94 -3.01
CA ALA B 381 0.01 24.02 -3.46
C ALA B 381 -1.38 24.63 -3.24
N GLU B 382 -1.56 25.46 -2.19
CA GLU B 382 -2.86 26.07 -1.88
C GLU B 382 -3.07 27.41 -2.64
N LEU B 383 -2.11 27.82 -3.48
CA LEU B 383 -2.21 29.05 -4.31
C LEU B 383 -2.90 28.78 -5.63
N ASP B 384 -3.65 29.74 -6.18
CA ASP B 384 -4.31 29.55 -7.49
C ASP B 384 -3.58 30.23 -8.65
N GLY B 385 -3.49 29.57 -9.80
CA GLY B 385 -2.87 30.15 -10.98
C GLY B 385 -1.41 30.63 -10.82
N ALA B 386 -0.61 29.93 -10.00
CA ALA B 386 0.78 30.40 -9.75
C ALA B 386 1.84 29.79 -10.68
N TRP B 387 1.49 28.75 -11.43
CA TRP B 387 2.42 28.11 -12.39
C TRP B 387 2.78 29.01 -13.57
N LYS B 388 4.06 29.13 -13.88
CA LYS B 388 4.45 29.81 -15.14
C LYS B 388 3.85 29.05 -16.30
N GLU B 389 4.03 27.73 -16.37
CA GLU B 389 3.33 26.92 -17.39
C GLU B 389 2.45 25.94 -16.66
N PRO B 390 1.12 26.06 -16.82
CA PRO B 390 0.26 25.09 -16.10
C PRO B 390 0.24 23.71 -16.79
N PHE B 391 -0.44 22.74 -16.16
CA PHE B 391 -0.58 21.43 -16.77
C PHE B 391 -1.00 21.55 -18.24
N ASP B 392 -0.29 20.89 -19.14
CA ASP B 392 -0.68 20.90 -20.53
C ASP B 392 -0.85 19.42 -21.02
N ALA B 393 -2.10 18.98 -21.26
CA ALA B 393 -2.30 17.59 -21.74
C ALA B 393 -1.37 17.19 -22.90
N GLN B 394 -0.95 18.15 -23.72
CA GLN B 394 -0.08 17.85 -24.89
C GLN B 394 1.42 17.79 -24.48
N ARG B 395 1.75 18.26 -23.27
CA ARG B 395 3.11 18.10 -22.74
C ARG B 395 3.05 17.61 -21.27
N PRO B 396 2.43 16.42 -21.02
CA PRO B 396 2.14 15.86 -19.67
C PRO B 396 3.39 15.52 -18.87
N LEU B 397 4.52 15.41 -19.57
CA LEU B 397 5.81 15.14 -18.94
C LEU B 397 6.55 16.36 -18.42
N ASP B 398 6.30 17.54 -19.01
CA ASP B 398 7.06 18.78 -18.69
C ASP B 398 6.25 19.89 -18.06
N THR B 399 5.02 19.58 -17.66
CA THR B 399 4.14 20.54 -17.08
C THR B 399 3.42 19.90 -15.93
N PRO B 400 3.11 20.69 -14.91
CA PRO B 400 3.38 22.14 -14.77
C PRO B 400 4.87 22.45 -14.51
N GLN B 401 5.32 23.66 -14.78
CA GLN B 401 6.75 24.04 -14.66
C GLN B 401 6.84 25.53 -14.36
N GLY B 402 7.65 25.89 -13.35
CA GLY B 402 8.02 27.29 -13.09
C GLY B 402 6.97 28.12 -12.35
N ILE B 403 7.42 29.23 -11.75
CA ILE B 403 6.53 30.17 -11.02
C ILE B 403 6.24 31.43 -11.92
N ALA B 404 4.98 31.89 -11.96
CA ALA B 404 4.57 33.04 -12.82
C ALA B 404 4.93 34.36 -12.12
N LEU B 405 6.22 34.59 -11.89
CA LEU B 405 6.65 35.82 -11.20
C LEU B 405 6.38 37.12 -12.01
N ASP B 406 6.04 36.97 -13.30
CA ASP B 406 5.71 38.08 -14.20
C ASP B 406 4.27 38.56 -13.96
N ARG B 407 3.54 37.92 -13.05
CA ARG B 407 2.20 38.35 -12.66
C ARG B 407 2.26 38.86 -11.23
N PRO B 408 2.14 40.20 -11.05
CA PRO B 408 2.38 40.74 -9.70
C PRO B 408 1.55 40.12 -8.53
N GLN B 409 0.31 39.66 -8.77
CA GLN B 409 -0.50 39.04 -7.69
C GLN B 409 0.17 37.70 -7.23
N VAL B 410 0.71 36.94 -8.19
CA VAL B 410 1.53 35.73 -7.91
C VAL B 410 2.86 36.04 -7.17
N ALA B 411 3.63 37.04 -7.61
CA ALA B 411 4.90 37.36 -6.99
C ALA B 411 4.69 37.76 -5.56
N THR B 412 3.60 38.51 -5.33
CA THR B 412 3.25 38.88 -3.97
C THR B 412 2.81 37.65 -3.18
N GLN B 413 1.89 36.85 -3.72
CA GLN B 413 1.47 35.64 -2.99
C GLN B 413 2.63 34.64 -2.71
N VAL B 414 3.60 34.56 -3.63
CA VAL B 414 4.66 33.52 -3.55
C VAL B 414 5.64 33.96 -2.54
N ARG B 415 5.95 35.26 -2.60
CA ARG B 415 6.80 35.85 -1.58
C ARG B 415 6.19 35.66 -0.22
N GLN B 416 4.88 35.87 -0.09
CA GLN B 416 4.21 35.76 1.24
C GLN B 416 4.25 34.30 1.78
N ALA B 417 3.97 33.35 0.89
CA ALA B 417 4.11 31.91 1.17
C ALA B 417 5.50 31.58 1.68
N LEU B 418 6.55 32.18 1.05
CA LEU B 418 7.90 31.87 1.46
C LEU B 418 8.17 32.46 2.82
N ALA B 419 7.65 33.67 3.10
CA ALA B 419 7.82 34.29 4.45
C ALA B 419 7.08 33.45 5.47
N ASP B 420 5.89 32.97 5.15
CA ASP B 420 5.13 32.19 6.16
C ASP B 420 5.80 30.82 6.46
N ALA B 421 6.26 30.17 5.39
CA ALA B 421 7.03 28.91 5.52
C ALA B 421 8.26 29.15 6.37
N ALA B 422 9.01 30.19 6.03
CA ALA B 422 10.25 30.48 6.76
C ALA B 422 9.96 30.73 8.25
N ALA B 423 8.90 31.47 8.55
CA ALA B 423 8.49 31.68 9.96
C ALA B 423 8.22 30.37 10.69
N GLU B 424 7.39 29.51 10.06
CA GLU B 424 7.07 28.16 10.64
C GLU B 424 8.37 27.41 10.94
N VAL B 425 9.31 27.40 9.98
CA VAL B 425 10.56 26.66 10.12
C VAL B 425 11.39 27.26 11.23
N GLU B 426 11.42 28.57 11.31
CA GLU B 426 12.19 29.19 12.37
C GLU B 426 11.59 29.03 13.80
N LYS B 427 10.26 28.93 13.88
CA LYS B 427 9.49 28.79 15.15
C LYS B 427 9.68 27.39 15.76
N SER B 428 9.95 26.40 14.92
CA SER B 428 10.24 25.04 15.39
C SER B 428 11.66 25.00 15.96
N GLY B 429 11.97 23.95 16.71
CA GLY B 429 13.23 23.92 17.45
C GLY B 429 14.38 23.24 16.71
N ILE B 430 14.54 23.56 15.42
CA ILE B 430 15.66 23.06 14.61
C ILE B 430 16.95 23.79 14.97
N PRO B 431 17.99 23.05 15.43
CA PRO B 431 19.32 23.66 15.65
C PRO B 431 19.90 24.41 14.44
N ASP B 432 21.08 25.03 14.64
CA ASP B 432 21.82 25.64 13.54
C ASP B 432 22.66 24.52 12.91
N GLY B 433 22.72 24.47 11.57
CA GLY B 433 23.58 23.48 10.89
C GLY B 433 23.11 22.03 10.89
N ALA B 434 21.98 21.74 11.55
CA ALA B 434 21.31 20.42 11.47
C ALA B 434 20.92 19.98 10.00
N ARG B 435 21.09 18.70 9.77
CA ARG B 435 20.81 18.11 8.48
C ARG B 435 19.47 17.30 8.45
N TRP B 436 19.04 16.87 7.26
CA TRP B 436 17.74 16.13 7.17
C TRP B 436 17.80 14.85 8.04
N GLY B 437 18.91 14.16 8.02
CA GLY B 437 19.10 12.96 8.85
C GLY B 437 19.09 13.17 10.33
N ASP B 438 19.32 14.41 10.84
CA ASP B 438 19.23 14.68 12.28
C ASP B 438 17.80 14.80 12.72
N LEU B 439 16.88 14.96 11.77
CA LEU B 439 15.49 15.19 12.03
C LEU B 439 14.58 13.91 11.78
N GLN B 440 14.80 13.26 10.63
CA GLN B 440 13.95 12.15 10.24
C GLN B 440 14.62 10.82 10.67
N VAL B 441 13.98 10.12 11.57
CA VAL B 441 14.58 8.89 12.08
C VAL B 441 13.56 7.75 12.21
N SER B 442 14.06 6.54 12.49
CA SER B 442 13.19 5.44 12.92
C SER B 442 13.68 5.04 14.27
N THR B 443 12.78 5.02 15.26
CA THR B 443 13.16 4.63 16.62
C THR B 443 13.28 3.12 16.73
N ARG B 444 14.33 2.65 17.42
CA ARG B 444 14.55 1.24 17.67
C ARG B 444 14.94 1.07 19.16
N GLY B 445 14.00 0.62 19.96
CA GLY B 445 14.16 0.66 21.41
C GLY B 445 14.43 2.08 21.88
N GLN B 446 15.58 2.33 22.51
CA GLN B 446 15.86 3.60 23.16
C GLN B 446 16.75 4.41 22.22
N GLU B 447 17.14 3.81 21.11
CA GLU B 447 17.95 4.50 20.10
C GLU B 447 17.15 4.99 18.89
N ARG B 448 17.85 5.69 18.01
CA ARG B 448 17.27 6.24 16.76
C ARG B 448 18.20 5.97 15.66
N ILE B 449 17.63 5.75 14.48
CA ILE B 449 18.46 5.55 13.30
C ILE B 449 18.00 6.55 12.28
N ALA B 450 18.95 7.34 11.73
CA ALA B 450 18.65 8.32 10.62
C ALA B 450 18.19 7.68 9.30
N ILE B 451 17.13 8.19 8.66
CA ILE B 451 16.55 7.52 7.46
C ILE B 451 16.54 8.53 6.36
N PRO B 452 17.18 8.23 5.23
CA PRO B 452 17.14 9.04 4.01
C PRO B 452 15.83 8.87 3.23
N GLY B 453 15.45 9.89 2.46
CA GLY B 453 14.23 9.87 1.65
C GLY B 453 13.27 10.91 2.18
N GLY B 454 12.23 11.18 1.42
CA GLY B 454 11.24 12.17 1.83
C GLY B 454 9.92 11.94 1.16
N ASP B 455 8.91 12.78 1.46
CA ASP B 455 7.56 12.45 0.98
C ASP B 455 7.47 12.37 -0.55
N GLY B 456 6.78 11.33 -0.99
CA GLY B 456 6.57 11.10 -2.42
C GLY B 456 5.90 12.27 -3.12
N HIS B 457 5.08 13.02 -2.36
CA HIS B 457 4.43 14.21 -2.92
C HIS B 457 5.43 15.33 -3.37
N PHE B 458 6.67 15.30 -2.89
CA PHE B 458 7.73 16.24 -3.34
C PHE B 458 8.62 15.59 -4.44
N GLY B 459 8.18 14.47 -5.03
CA GLY B 459 8.91 13.84 -6.14
C GLY B 459 10.17 13.11 -5.70
N VAL B 460 10.27 12.66 -4.43
CA VAL B 460 11.38 11.85 -3.99
C VAL B 460 11.05 10.39 -4.34
N TYR B 461 11.86 9.78 -5.21
CA TYR B 461 11.53 8.41 -5.66
C TYR B 461 11.52 7.50 -4.42
N ASN B 462 12.60 7.64 -3.64
CA ASN B 462 12.72 7.01 -2.33
C ASN B 462 11.72 7.66 -1.32
N ALA B 463 10.44 7.29 -1.43
CA ALA B 463 9.43 8.01 -0.70
C ALA B 463 9.41 7.56 0.72
N ILE B 464 9.38 8.49 1.68
CA ILE B 464 9.35 8.14 3.10
C ILE B 464 8.36 9.10 3.71
N GLN B 465 7.35 8.58 4.41
CA GLN B 465 6.34 9.37 5.06
C GLN B 465 6.67 9.38 6.55
N SER B 466 6.72 10.57 7.16
CA SER B 466 7.03 10.70 8.60
CA SER B 466 7.02 10.68 8.60
C SER B 466 6.00 11.54 9.33
N VAL B 467 5.95 11.41 10.66
CA VAL B 467 5.08 12.26 11.47
C VAL B 467 5.86 12.84 12.66
N ARG B 468 5.48 14.05 13.09
CA ARG B 468 6.15 14.65 14.24
C ARG B 468 5.90 13.83 15.49
N LYS B 469 6.98 13.44 16.17
CA LYS B 469 6.90 12.85 17.52
C LYS B 469 8.00 13.54 18.35
N GLY B 470 7.62 14.25 19.41
CA GLY B 470 8.60 15.06 20.15
C GLY B 470 9.53 15.90 19.29
N ASP B 471 10.82 15.60 19.42
CA ASP B 471 11.88 16.38 18.78
C ASP B 471 12.30 15.85 17.37
N HIS B 472 11.50 14.96 16.76
CA HIS B 472 11.95 14.32 15.52
C HIS B 472 10.77 14.07 14.58
N LEU B 473 11.06 13.75 13.32
CA LEU B 473 10.03 13.19 12.44
C LEU B 473 10.19 11.64 12.54
N GLU B 474 9.11 10.89 12.89
CA GLU B 474 9.28 9.47 13.09
C GLU B 474 8.77 8.82 11.76
N VAL B 475 9.58 8.01 11.10
CA VAL B 475 9.10 7.31 9.87
C VAL B 475 7.90 6.37 10.13
N VAL B 476 6.85 6.49 9.34
CA VAL B 476 5.71 5.57 9.51
C VAL B 476 5.50 4.70 8.26
N GLY B 477 5.95 5.12 7.07
CA GLY B 477 5.74 4.22 5.91
C GLY B 477 6.62 4.71 4.77
N GLY B 478 6.64 3.98 3.66
CA GLY B 478 7.42 4.34 2.46
C GLY B 478 8.18 3.12 1.97
N THR B 479 9.32 3.40 1.29
CA THR B 479 10.23 2.34 0.85
C THR B 479 10.33 1.28 1.92
N SER B 480 10.14 0.03 1.50
CA SER B 480 9.93 -1.03 2.44
C SER B 480 10.73 -2.21 1.96
N TYR B 481 10.11 -3.12 1.21
CA TYR B 481 10.89 -4.20 0.61
C TYR B 481 11.48 -3.67 -0.71
N ILE B 482 12.80 -3.69 -0.90
CA ILE B 482 13.36 -3.27 -2.17
C ILE B 482 13.91 -4.50 -2.91
N GLN B 483 13.58 -4.69 -4.18
CA GLN B 483 14.23 -5.75 -4.91
C GLN B 483 14.55 -5.27 -6.33
N LEU B 484 15.78 -5.51 -6.73
CA LEU B 484 16.22 -5.14 -8.04
C LEU B 484 16.76 -6.47 -8.64
N VAL B 485 16.09 -6.93 -9.70
CA VAL B 485 16.33 -8.31 -10.24
C VAL B 485 16.83 -8.25 -11.71
N THR B 486 17.95 -8.94 -11.96
CA THR B 486 18.41 -9.22 -13.38
C THR B 486 18.55 -10.73 -13.56
N PHE B 487 18.83 -11.16 -14.80
CA PHE B 487 18.77 -12.57 -15.14
C PHE B 487 20.04 -13.07 -15.91
N PRO B 488 21.24 -12.98 -15.24
CA PRO B 488 22.46 -13.58 -15.81
C PRO B 488 22.31 -15.10 -15.91
N GLU B 489 23.21 -15.74 -16.70
CA GLU B 489 23.07 -17.16 -17.10
C GLU B 489 22.92 -18.12 -15.89
N GLU B 490 23.66 -17.89 -14.82
CA GLU B 490 23.63 -18.82 -13.66
C GLU B 490 22.28 -18.87 -12.91
N GLY B 491 21.54 -17.76 -12.89
CA GLY B 491 20.25 -17.79 -12.11
C GLY B 491 19.99 -16.37 -11.73
N PRO B 492 18.77 -16.09 -11.22
CA PRO B 492 18.44 -14.68 -11.09
C PRO B 492 19.36 -14.00 -10.04
N LYS B 493 19.82 -12.81 -10.35
CA LYS B 493 20.60 -11.97 -9.46
C LYS B 493 19.68 -10.86 -8.89
N ALA B 494 19.45 -10.93 -7.59
CA ALA B 494 18.56 -10.04 -6.91
C ALA B 494 19.33 -9.36 -5.76
N ARG B 495 19.09 -8.06 -5.63
CA ARG B 495 19.78 -7.19 -4.70
C ARG B 495 18.69 -6.26 -4.05
N GLY B 496 18.82 -5.96 -2.76
CA GLY B 496 17.77 -5.16 -2.11
C GLY B 496 17.99 -5.13 -0.61
N LEU B 497 16.89 -4.92 0.11
CA LEU B 497 16.88 -4.78 1.54
C LEU B 497 15.38 -4.74 1.95
N LEU B 498 15.15 -5.03 3.21
CA LEU B 498 13.85 -4.79 3.80
C LEU B 498 14.20 -3.63 4.79
N ALA B 499 13.77 -2.41 4.45
CA ALA B 499 14.21 -1.20 5.14
C ALA B 499 14.08 -1.24 6.66
N PHE B 500 12.93 -1.70 7.16
CA PHE B 500 12.63 -1.77 8.60
C PHE B 500 13.08 -3.04 9.30
N SER B 501 13.75 -3.93 8.57
CA SER B 501 14.22 -5.25 9.09
C SER B 501 13.16 -6.30 9.22
N GLN B 502 13.61 -7.57 9.34
CA GLN B 502 12.64 -8.72 9.38
C GLN B 502 11.63 -8.67 10.56
N SER B 503 12.14 -8.29 11.74
CA SER B 503 11.38 -8.45 12.98
C SER B 503 10.96 -7.10 13.57
N SER B 504 9.69 -7.02 13.93
CA SER B 504 9.10 -5.90 14.62
C SER B 504 9.38 -6.07 16.13
N ASP B 505 10.02 -7.15 16.57
CA ASP B 505 10.23 -7.33 18.03
C ASP B 505 11.60 -6.80 18.47
N PRO B 506 11.63 -5.87 19.46
CA PRO B 506 12.91 -5.26 19.83
C PRO B 506 13.92 -6.28 20.37
N ARG B 507 13.47 -7.44 20.78
CA ARG B 507 14.43 -8.43 21.28
C ARG B 507 15.18 -9.16 20.16
N SER B 508 14.67 -9.06 18.92
CA SER B 508 15.23 -9.90 17.82
C SER B 508 16.63 -9.38 17.34
N PRO B 509 17.55 -10.26 16.98
CA PRO B 509 18.74 -9.90 16.23
C PRO B 509 18.44 -9.24 14.92
N HIS B 510 17.20 -9.34 14.47
CA HIS B 510 16.87 -8.83 13.13
C HIS B 510 15.82 -7.72 13.24
N TYR B 511 15.91 -6.97 14.35
CA TYR B 511 15.04 -5.80 14.58
C TYR B 511 15.51 -4.54 13.87
N ARG B 512 16.83 -4.41 13.62
CA ARG B 512 17.37 -3.17 13.05
C ARG B 512 18.60 -3.36 12.17
N ASP B 513 18.98 -4.60 11.93
CA ASP B 513 20.21 -4.83 11.20
C ASP B 513 20.07 -4.27 9.77
N GLN B 514 18.89 -4.43 9.13
CA GLN B 514 18.79 -3.97 7.69
C GLN B 514 18.46 -2.47 7.71
N THR B 515 18.03 -1.98 8.85
CA THR B 515 17.69 -0.58 9.01
C THR B 515 18.96 0.28 9.07
N GLU B 516 19.98 -0.25 9.77
CA GLU B 516 21.33 0.32 9.73
C GLU B 516 21.84 0.34 8.29
N LEU B 517 21.60 -0.72 7.54
CA LEU B 517 21.99 -0.77 6.15
C LEU B 517 21.20 0.18 5.30
N PHE B 518 19.90 0.31 5.59
CA PHE B 518 19.07 1.21 4.83
C PHE B 518 19.52 2.71 5.01
N SER B 519 19.81 3.06 6.25
CA SER B 519 20.37 4.39 6.62
C SER B 519 21.61 4.71 5.74
N ARG B 520 22.52 3.76 5.57
CA ARG B 520 23.76 3.97 4.77
C ARG B 520 23.52 3.66 3.30
N GLN B 521 22.30 3.25 2.94
CA GLN B 521 21.91 2.97 1.54
C GLN B 521 22.78 1.85 0.91
N GLN B 522 23.04 0.80 1.69
CA GLN B 522 23.90 -0.33 1.28
C GLN B 522 23.04 -1.57 1.06
N TRP B 523 22.59 -1.75 -0.20
CA TRP B 523 21.76 -2.93 -0.56
C TRP B 523 22.62 -4.19 -0.58
N GLN B 524 21.98 -5.36 -0.48
CA GLN B 524 22.65 -6.61 -0.31
C GLN B 524 22.10 -7.64 -1.29
N THR B 525 22.86 -8.71 -1.51
CA THR B 525 22.35 -9.85 -2.21
C THR B 525 21.10 -10.43 -1.56
N LEU B 526 20.12 -10.76 -2.39
CA LEU B 526 19.01 -11.62 -1.94
C LEU B 526 19.34 -13.05 -2.45
N PRO B 527 19.81 -13.93 -1.56
CA PRO B 527 20.38 -15.22 -2.10
C PRO B 527 19.24 -16.19 -2.41
N PHE B 528 19.30 -16.83 -3.57
CA PHE B 528 18.19 -17.60 -4.10
C PHE B 528 18.59 -19.02 -4.46
N SER B 529 19.74 -19.17 -5.13
CA SER B 529 20.18 -20.56 -5.53
C SER B 529 20.74 -21.27 -4.29
N ASP B 530 20.75 -22.62 -4.28
CA ASP B 530 21.36 -23.28 -3.14
C ASP B 530 22.83 -22.92 -3.03
N ARG B 531 23.51 -22.64 -4.15
CA ARG B 531 24.90 -22.16 -4.14
C ARG B 531 24.98 -20.81 -3.38
N GLN B 532 24.12 -19.86 -3.69
CA GLN B 532 24.15 -18.59 -2.90
C GLN B 532 23.86 -18.79 -1.43
N ILE B 533 22.79 -19.56 -1.15
CA ILE B 533 22.43 -19.82 0.25
C ILE B 533 23.57 -20.46 1.03
N ASP B 534 24.16 -21.51 0.42
CA ASP B 534 25.31 -22.19 1.07
C ASP B 534 26.58 -21.37 1.20
N ALA B 535 26.81 -20.41 0.31
CA ALA B 535 27.96 -19.51 0.48
C ALA B 535 27.81 -18.57 1.67
N ASP B 536 26.65 -18.53 2.35
CA ASP B 536 26.45 -17.46 3.39
C ASP B 536 27.01 -17.86 4.76
N PRO B 537 28.03 -17.11 5.28
CA PRO B 537 28.65 -17.60 6.51
C PRO B 537 27.73 -17.49 7.71
N GLN B 538 26.62 -16.76 7.63
CA GLN B 538 25.65 -16.79 8.74
C GLN B 538 24.61 -17.90 8.60
N LEU B 539 24.78 -18.81 7.64
CA LEU B 539 23.75 -19.84 7.34
C LEU B 539 23.35 -20.64 8.61
N GLN B 540 22.05 -20.78 8.91
CA GLN B 540 21.56 -21.62 10.00
C GLN B 540 20.41 -22.51 9.48
N ARG B 541 20.09 -23.62 10.15
CA ARG B 541 19.16 -24.57 9.55
C ARG B 541 18.48 -25.23 10.66
N LEU B 542 17.19 -25.44 10.52
CA LEU B 542 16.42 -26.22 11.48
C LEU B 542 15.38 -26.99 10.69
N SER B 543 15.15 -28.25 11.04
CA SER B 543 14.09 -29.02 10.41
C SER B 543 13.09 -29.30 11.48
N ILE B 544 11.80 -29.17 11.19
CA ILE B 544 10.73 -29.35 12.24
C ILE B 544 9.56 -30.19 11.70
N ARG B 545 8.88 -30.93 12.60
CA ARG B 545 7.71 -31.72 12.19
C ARG B 545 6.77 -31.89 13.33
N GLU B 546 5.52 -32.23 13.05
CA GLU B 546 4.68 -32.73 14.10
C GLU B 546 3.59 -33.54 13.41
#